data_2DXI
#
_entry.id   2DXI
#
_cell.length_a   110.615
_cell.length_b   219.119
_cell.length_c   135.816
_cell.angle_alpha   90.00
_cell.angle_beta   90.00
_cell.angle_gamma   90.00
#
_symmetry.space_group_name_H-M   'C 2 2 21'
#
loop_
_entity.id
_entity.type
_entity.pdbx_description
1 polymer tRNA
2 polymer 'glutamyl-tRNA synthetase'
3 non-polymer 'MAGNESIUM ION'
4 non-polymer "ADENOSINE-5'-TRIPHOSPHATE"
5 non-polymer '(4S)-4-AMINO-5-HYDROXYPENTANOIC ACID'
6 water water
#
loop_
_entity_poly.entity_id
_entity_poly.type
_entity_poly.pdbx_seq_one_letter_code
_entity_poly.pdbx_strand_id
1 'polyribonucleotide' GGCCCCAUCGUCUAGCGGUUAGGACGCGGCCCUCUCAAGGCCGAAACGGGGGUUCGAUUCCCCCUGGGGUCACCA C,D
2 'polypeptide(L)'
;MVVTRIAPSPTGDPHVGTAYIALFNYAWARRNGGRFIVRIEDTDRARYVPGAEERILAALKWLGLSYDEGPDVGGPHGPY
RQSERLPLYQKYAEELLKRGWAYRAFETPEELEQIRKEKGGYDGRARNIPPEEAEERARRGEPHVIRLKVPRPGTTEVKD
ELRGVVVYDNQEIPDVVLLKSDGYPTYHLANVVDDHLMGVTDVIRAEEWLVSTPIHVLLYRAFGWEAPRFYHMPLLRNPD
KTKISKRKSHTSLDWYKAEGFLPEALRNYLCLMGFSMPDGREIFTLEEFIQAFTWERVSLGGPVFDLEKLRWMNGKYIRE
VLSLEEVAERVKPFLREAGLSWESEAYLRRAVELMRPRFDTLKEFPEKARYLFTEDYPVSEKAQRKLEEGLPLLKELYPR
LRAQEEWTEAALEALLRGFAAEKGVKLGQVAQPLRAALTGSLETPGLFEILALLGKERALRRLERALA
;
A,B
#
loop_
_chem_comp.id
_chem_comp.type
_chem_comp.name
_chem_comp.formula
A RNA linking ADENOSINE-5'-MONOPHOSPHATE 'C10 H14 N5 O7 P'
ATP non-polymer ADENOSINE-5'-TRIPHOSPHATE 'C10 H16 N5 O13 P3'
C RNA linking CYTIDINE-5'-MONOPHOSPHATE 'C9 H14 N3 O8 P'
G RNA linking GUANOSINE-5'-MONOPHOSPHATE 'C10 H14 N5 O8 P'
MG non-polymer 'MAGNESIUM ION' 'Mg 2'
U RNA linking URIDINE-5'-MONOPHOSPHATE 'C9 H13 N2 O9 P'
#
# COMPACT_ATOMS: atom_id res chain seq x y z
N MET C 1 -16.84 54.54 -30.41
CA MET C 1 -15.40 54.23 -30.14
C MET C 1 -15.09 52.78 -30.53
N VAL C 2 -13.83 52.39 -30.36
CA VAL C 2 -13.40 51.04 -30.70
C VAL C 2 -13.37 50.15 -29.45
N VAL C 3 -13.94 48.95 -29.57
CA VAL C 3 -13.92 48.01 -28.46
C VAL C 3 -13.41 46.66 -28.94
N THR C 4 -12.34 46.20 -28.33
CA THR C 4 -11.76 44.89 -28.66
C THR C 4 -11.79 44.00 -27.41
N ARG C 5 -11.58 42.71 -27.63
CA ARG C 5 -11.51 41.77 -26.51
C ARG C 5 -10.64 40.56 -26.82
N ILE C 6 -10.20 39.89 -25.75
CA ILE C 6 -9.47 38.64 -25.80
C ILE C 6 -10.47 37.77 -25.00
N ALA C 7 -10.76 36.57 -25.49
CA ALA C 7 -11.72 35.72 -24.84
C ALA C 7 -11.13 34.33 -24.60
N PRO C 8 -10.15 34.24 -23.71
CA PRO C 8 -9.50 32.98 -23.37
C PRO C 8 -10.47 31.95 -22.79
N SER C 9 -10.20 30.69 -23.14
CA SER C 9 -10.93 29.52 -22.66
C SER C 9 -9.97 28.95 -21.60
N PRO C 10 -10.42 28.77 -20.34
CA PRO C 10 -9.56 28.25 -19.26
C PRO C 10 -9.44 26.74 -19.29
N THR C 11 -8.74 26.24 -20.28
CA THR C 11 -8.62 24.80 -20.45
C THR C 11 -7.20 24.26 -20.48
N GLY C 12 -6.24 24.99 -19.92
CA GLY C 12 -4.86 24.56 -19.88
C GLY C 12 -3.98 25.72 -19.43
N ASP C 13 -2.67 25.60 -19.60
CA ASP C 13 -1.75 26.67 -19.20
C ASP C 13 -1.94 27.92 -20.07
N PRO C 14 -1.53 29.11 -19.56
CA PRO C 14 -1.62 30.37 -20.29
C PRO C 14 -0.78 30.11 -21.54
N HIS C 15 -1.36 30.35 -22.69
CA HIS C 15 -0.76 30.02 -23.99
C HIS C 15 -0.16 31.23 -24.71
N VAL C 16 1.03 31.05 -25.28
CA VAL C 16 1.69 32.13 -25.99
C VAL C 16 0.78 32.68 -27.12
N GLY C 17 -0.09 31.82 -27.66
CA GLY C 17 -0.98 32.28 -28.72
C GLY C 17 -1.99 33.28 -28.15
N THR C 18 -2.30 33.13 -26.86
CA THR C 18 -3.25 34.03 -26.24
C THR C 18 -2.59 35.40 -26.07
N ALA C 19 -1.36 35.40 -25.61
CA ALA C 19 -0.61 36.65 -25.42
C ALA C 19 -0.47 37.43 -26.73
N TYR C 20 -0.19 36.69 -27.80
CA TYR C 20 -0.02 37.26 -29.13
C TYR C 20 -1.29 37.96 -29.59
N ILE C 21 -2.41 37.25 -29.58
CA ILE C 21 -3.66 37.83 -30.01
C ILE C 21 -4.03 38.99 -29.06
N ALA C 22 -3.84 38.78 -27.76
CA ALA C 22 -4.17 39.81 -26.77
C ALA C 22 -3.40 41.11 -27.05
N LEU C 23 -2.12 40.97 -27.39
CA LEU C 23 -1.27 42.12 -27.68
C LEU C 23 -1.78 42.98 -28.82
N PHE C 24 -2.30 42.36 -29.88
CA PHE C 24 -2.83 43.15 -30.99
C PHE C 24 -4.18 43.77 -30.66
N ASN C 25 -4.95 43.12 -29.79
CA ASN C 25 -6.24 43.68 -29.42
C ASN C 25 -6.03 44.90 -28.52
N TYR C 26 -5.06 44.77 -27.65
CA TYR C 26 -4.68 45.84 -26.74
C TYR C 26 -4.16 47.05 -27.55
N ALA C 27 -3.30 46.79 -28.52
CA ALA C 27 -2.75 47.88 -29.32
C ALA C 27 -3.83 48.57 -30.14
N TRP C 28 -4.70 47.82 -30.78
CA TRP C 28 -5.73 48.46 -31.60
C TRP C 28 -6.72 49.30 -30.79
N ALA C 29 -7.06 48.84 -29.59
CA ALA C 29 -7.96 49.58 -28.74
C ALA C 29 -7.24 50.88 -28.32
N ARG C 30 -6.02 50.77 -27.81
CA ARG C 30 -5.31 51.97 -27.36
C ARG C 30 -4.98 52.96 -28.50
N ARG C 31 -4.54 52.43 -29.63
CA ARG C 31 -4.25 53.29 -30.78
C ARG C 31 -5.49 54.12 -31.14
N ASN C 32 -6.69 53.59 -30.87
CA ASN C 32 -7.95 54.28 -31.17
C ASN C 32 -8.67 54.91 -29.97
N GLY C 33 -7.99 55.00 -28.83
CA GLY C 33 -8.66 55.54 -27.64
C GLY C 33 -9.93 54.76 -27.36
N GLY C 34 -9.87 53.45 -27.49
CA GLY C 34 -11.04 52.63 -27.25
C GLY C 34 -10.88 51.75 -26.01
N ARG C 35 -11.65 50.68 -25.93
CA ARG C 35 -11.62 49.77 -24.79
C ARG C 35 -11.23 48.35 -25.20
N PHE C 36 -10.37 47.74 -24.39
CA PHE C 36 -9.88 46.37 -24.53
C PHE C 36 -10.46 45.58 -23.32
N ILE C 37 -11.30 44.60 -23.66
CA ILE C 37 -12.03 43.76 -22.72
C ILE C 37 -11.48 42.33 -22.62
N VAL C 38 -11.57 41.74 -21.41
CA VAL C 38 -11.19 40.33 -21.23
C VAL C 38 -12.49 39.60 -20.88
N ARG C 39 -12.83 38.56 -21.62
CA ARG C 39 -14.04 37.80 -21.35
C ARG C 39 -13.63 36.34 -21.26
N ILE C 40 -13.93 35.70 -20.13
CA ILE C 40 -13.55 34.31 -19.92
C ILE C 40 -14.57 33.38 -20.55
N GLU C 41 -14.10 32.54 -21.44
CA GLU C 41 -14.99 31.66 -22.17
C GLU C 41 -14.99 30.25 -21.59
N ASP C 42 -15.64 30.07 -20.45
CA ASP C 42 -15.68 28.76 -19.79
C ASP C 42 -17.03 28.05 -19.98
N THR C 43 -17.33 27.68 -21.23
CA THR C 43 -18.60 27.04 -21.55
C THR C 43 -18.53 25.51 -21.71
N ASP C 44 -17.34 24.93 -21.61
CA ASP C 44 -17.16 23.49 -21.74
C ASP C 44 -16.68 22.87 -20.41
N ARG C 45 -17.60 22.33 -19.61
CA ARG C 45 -17.22 21.75 -18.33
C ARG C 45 -16.28 20.57 -18.43
N ALA C 46 -16.32 19.86 -19.54
CA ALA C 46 -15.47 18.70 -19.73
C ALA C 46 -13.99 19.09 -19.76
N ARG C 47 -13.66 20.15 -20.48
CA ARG C 47 -12.26 20.58 -20.60
C ARG C 47 -11.81 21.63 -19.58
N TYR C 48 -12.73 22.10 -18.76
CA TYR C 48 -12.39 23.12 -17.77
C TYR C 48 -11.29 22.71 -16.83
N VAL C 49 -10.26 23.55 -16.73
CA VAL C 49 -9.17 23.27 -15.84
C VAL C 49 -9.25 24.31 -14.69
N PRO C 50 -9.65 23.88 -13.49
CA PRO C 50 -9.74 24.80 -12.34
C PRO C 50 -8.39 25.48 -12.12
N GLY C 51 -8.41 26.81 -11.91
CA GLY C 51 -7.16 27.55 -11.72
C GLY C 51 -6.59 28.15 -13.00
N ALA C 52 -7.02 27.64 -14.16
CA ALA C 52 -6.51 28.16 -15.42
C ALA C 52 -6.87 29.64 -15.61
N GLU C 53 -8.10 30.01 -15.27
CA GLU C 53 -8.55 31.39 -15.44
C GLU C 53 -7.60 32.41 -14.79
N GLU C 54 -7.37 32.31 -13.48
CA GLU C 54 -6.47 33.24 -12.78
C GLU C 54 -5.09 33.21 -13.42
N ARG C 55 -4.65 32.03 -13.83
CA ARG C 55 -3.34 31.94 -14.45
C ARG C 55 -3.24 32.73 -15.76
N ILE C 56 -4.28 32.69 -16.60
CA ILE C 56 -4.20 33.44 -17.84
C ILE C 56 -4.29 34.96 -17.53
N LEU C 57 -5.15 35.35 -16.60
CA LEU C 57 -5.27 36.77 -16.24
C LEU C 57 -3.95 37.31 -15.70
N ALA C 58 -3.29 36.52 -14.85
CA ALA C 58 -2.01 36.95 -14.31
C ALA C 58 -0.91 36.97 -15.39
N ALA C 59 -0.97 36.06 -16.34
CA ALA C 59 0.05 36.03 -17.39
C ALA C 59 -0.08 37.28 -18.31
N LEU C 60 -1.31 37.72 -18.55
CA LEU C 60 -1.57 38.91 -19.37
C LEU C 60 -1.01 40.15 -18.70
N LYS C 61 -1.14 40.23 -17.38
CA LYS C 61 -0.61 41.35 -16.61
C LYS C 61 0.90 41.26 -16.55
N TRP C 62 1.42 40.05 -16.40
CA TRP C 62 2.85 39.82 -16.35
C TRP C 62 3.48 40.38 -17.66
N LEU C 63 2.82 40.13 -18.79
CA LEU C 63 3.33 40.62 -20.07
C LEU C 63 3.22 42.12 -20.21
N GLY C 64 2.48 42.77 -19.32
CA GLY C 64 2.36 44.22 -19.38
C GLY C 64 1.09 44.78 -20.03
N LEU C 65 0.15 43.92 -20.33
CA LEU C 65 -1.06 44.40 -20.92
C LEU C 65 -1.95 44.75 -19.73
N SER C 66 -2.89 45.65 -19.97
CA SER C 66 -3.88 46.06 -18.97
C SER C 66 -5.19 46.00 -19.71
N TYR C 67 -6.26 45.66 -19.03
CA TYR C 67 -7.52 45.68 -19.75
C TYR C 67 -8.48 46.60 -19.02
N ASP C 68 -9.48 47.11 -19.72
CA ASP C 68 -10.42 48.04 -19.14
C ASP C 68 -11.65 47.43 -18.47
N GLU C 69 -12.09 46.25 -18.93
CA GLU C 69 -13.23 45.56 -18.33
C GLU C 69 -12.83 44.10 -18.28
N GLY C 70 -13.34 43.37 -17.30
CA GLY C 70 -12.99 41.96 -17.17
C GLY C 70 -13.38 41.37 -15.83
N PRO C 71 -13.15 40.06 -15.62
CA PRO C 71 -13.50 39.33 -14.39
C PRO C 71 -13.00 39.98 -13.10
N ASP C 72 -11.82 40.58 -13.14
CA ASP C 72 -11.25 41.17 -11.94
C ASP C 72 -11.04 42.68 -11.95
N VAL C 73 -11.66 43.38 -12.89
CA VAL C 73 -11.49 44.82 -12.90
C VAL C 73 -12.83 45.51 -13.02
N GLY C 74 -13.91 44.73 -13.04
CA GLY C 74 -15.24 45.32 -13.15
C GLY C 74 -15.62 45.66 -14.58
N GLY C 75 -16.68 46.44 -14.73
CA GLY C 75 -17.13 46.82 -16.05
C GLY C 75 -18.64 46.82 -16.00
N PRO C 76 -19.30 47.61 -16.85
CA PRO C 76 -20.76 47.71 -16.89
C PRO C 76 -21.50 46.62 -17.64
N HIS C 77 -20.78 45.71 -18.30
CA HIS C 77 -21.48 44.68 -19.05
C HIS C 77 -21.18 43.30 -18.57
N GLY C 78 -20.88 43.19 -17.28
CA GLY C 78 -20.57 41.89 -16.69
C GLY C 78 -21.80 41.05 -16.45
N PRO C 79 -21.64 39.82 -15.92
CA PRO C 79 -20.35 39.25 -15.56
C PRO C 79 -19.49 39.00 -16.80
N TYR C 80 -18.18 38.91 -16.60
CA TYR C 80 -17.26 38.67 -17.69
C TYR C 80 -16.76 37.23 -17.74
N ARG C 81 -17.56 36.30 -17.22
CA ARG C 81 -17.23 34.87 -17.21
C ARG C 81 -18.52 34.27 -17.81
N GLN C 82 -18.41 33.59 -18.95
CA GLN C 82 -19.60 33.05 -19.61
C GLN C 82 -20.42 32.07 -18.79
N SER C 83 -19.78 31.36 -17.85
CA SER C 83 -20.51 30.39 -17.02
C SER C 83 -21.58 31.05 -16.13
N GLU C 84 -21.43 32.35 -15.87
CA GLU C 84 -22.35 33.12 -15.07
C GLU C 84 -23.38 33.85 -15.94
N ARG C 85 -23.40 33.53 -17.23
CA ARG C 85 -24.31 34.20 -18.15
C ARG C 85 -25.35 33.25 -18.79
N LEU C 86 -25.31 32.00 -18.37
CA LEU C 86 -26.18 30.98 -18.91
C LEU C 86 -27.62 31.34 -19.23
N PRO C 87 -28.36 31.96 -18.28
CA PRO C 87 -29.75 32.33 -18.55
C PRO C 87 -29.89 33.22 -19.81
N LEU C 88 -28.88 34.04 -20.01
CA LEU C 88 -28.87 34.95 -21.15
C LEU C 88 -28.83 34.21 -22.49
N TYR C 89 -27.89 33.29 -22.67
CA TYR C 89 -27.82 32.55 -23.93
C TYR C 89 -29.11 31.73 -24.15
N GLN C 90 -29.64 31.20 -23.06
CA GLN C 90 -30.88 30.43 -23.11
C GLN C 90 -31.96 31.26 -23.79
N LYS C 91 -32.11 32.47 -23.26
CA LYS C 91 -33.11 33.43 -23.75
C LYS C 91 -32.89 33.73 -25.24
N TYR C 92 -31.64 34.00 -25.63
CA TYR C 92 -31.38 34.29 -27.02
C TYR C 92 -31.57 33.05 -27.89
N ALA C 93 -31.24 31.86 -27.37
CA ALA C 93 -31.44 30.65 -28.15
C ALA C 93 -32.94 30.51 -28.44
N GLU C 94 -33.76 30.71 -27.41
CA GLU C 94 -35.20 30.61 -27.57
C GLU C 94 -35.73 31.69 -28.51
N GLU C 95 -35.14 32.88 -28.49
CA GLU C 95 -35.59 33.92 -29.41
C GLU C 95 -35.33 33.49 -30.87
N LEU C 96 -34.19 32.84 -31.12
CA LEU C 96 -33.88 32.35 -32.47
C LEU C 96 -34.96 31.36 -32.91
N LEU C 97 -35.39 30.53 -31.95
CA LEU C 97 -36.42 29.52 -32.17
C LEU C 97 -37.70 30.19 -32.66
N LYS C 98 -38.10 31.24 -31.97
CA LYS C 98 -39.30 31.97 -32.35
C LYS C 98 -39.18 32.69 -33.68
N ARG C 99 -37.98 33.18 -34.01
CA ARG C 99 -37.79 33.91 -35.26
C ARG C 99 -37.64 32.95 -36.44
N GLY C 100 -37.69 31.65 -36.17
CA GLY C 100 -37.54 30.70 -37.25
C GLY C 100 -36.10 30.51 -37.71
N TRP C 101 -35.14 30.97 -36.89
CA TRP C 101 -33.72 30.85 -37.21
C TRP C 101 -32.98 29.69 -36.53
N ALA C 102 -33.71 28.86 -35.78
CA ALA C 102 -33.08 27.73 -35.10
C ALA C 102 -34.10 26.63 -34.88
N TYR C 103 -33.65 25.44 -34.52
CA TYR C 103 -34.58 24.36 -34.26
C TYR C 103 -34.02 23.41 -33.23
N ARG C 104 -34.93 22.73 -32.54
CA ARG C 104 -34.55 21.75 -31.53
C ARG C 104 -34.25 20.45 -32.25
N ALA C 105 -33.21 19.76 -31.82
CA ALA C 105 -32.78 18.52 -32.47
C ALA C 105 -32.51 17.54 -31.31
N PHE C 106 -33.13 16.37 -31.39
CA PHE C 106 -33.04 15.42 -30.29
C PHE C 106 -32.13 14.22 -30.45
N GLU C 107 -31.30 14.19 -31.49
CA GLU C 107 -30.42 13.03 -31.66
C GLU C 107 -29.44 12.82 -30.52
N THR C 108 -29.13 11.55 -30.24
CA THR C 108 -28.14 11.22 -29.22
C THR C 108 -26.77 11.37 -29.90
N PRO C 109 -25.70 11.50 -29.10
CA PRO C 109 -24.36 11.64 -29.69
C PRO C 109 -24.03 10.43 -30.58
N GLU C 110 -24.49 9.25 -30.18
CA GLU C 110 -24.21 8.07 -30.97
C GLU C 110 -24.91 8.12 -32.33
N GLU C 111 -26.14 8.62 -32.37
CA GLU C 111 -26.82 8.71 -33.65
C GLU C 111 -26.10 9.75 -34.53
N LEU C 112 -25.65 10.87 -33.94
CA LEU C 112 -24.96 11.89 -34.72
C LEU C 112 -23.69 11.30 -35.33
N GLU C 113 -23.02 10.45 -34.58
CA GLU C 113 -21.81 9.80 -35.05
C GLU C 113 -22.11 8.98 -36.30
N GLN C 114 -23.22 8.24 -36.24
CA GLN C 114 -23.67 7.39 -37.33
C GLN C 114 -24.03 8.23 -38.56
N ILE C 115 -24.73 9.35 -38.34
CA ILE C 115 -25.11 10.25 -39.43
C ILE C 115 -23.85 10.83 -40.08
N ARG C 116 -22.88 11.17 -39.23
CA ARG C 116 -21.62 11.74 -39.71
C ARG C 116 -20.91 10.70 -40.58
N LYS C 117 -20.99 9.43 -40.18
CA LYS C 117 -20.37 8.37 -40.93
C LYS C 117 -21.06 8.15 -42.29
N GLU C 118 -22.38 8.14 -42.31
CA GLU C 118 -23.12 7.90 -43.55
C GLU C 118 -23.12 9.07 -44.50
N LYS C 119 -23.51 10.23 -44.00
CA LYS C 119 -23.58 11.42 -44.84
C LYS C 119 -22.47 12.44 -44.59
N GLY C 120 -21.61 12.15 -43.62
CA GLY C 120 -20.53 13.06 -43.29
C GLY C 120 -21.05 14.42 -42.85
N GLY C 121 -21.34 14.59 -41.57
CA GLY C 121 -21.85 15.86 -41.09
C GLY C 121 -23.33 15.74 -40.83
N TYR C 122 -23.89 16.59 -39.98
CA TYR C 122 -25.32 16.49 -39.71
C TYR C 122 -26.14 16.89 -40.94
N ASP C 123 -27.21 16.15 -41.22
CA ASP C 123 -28.02 16.44 -42.40
C ASP C 123 -29.26 17.31 -42.17
N GLY C 124 -29.38 17.89 -40.98
CA GLY C 124 -30.53 18.75 -40.72
C GLY C 124 -31.88 18.03 -40.62
N ARG C 125 -31.86 16.73 -40.38
CA ARG C 125 -33.11 15.96 -40.29
C ARG C 125 -34.14 16.48 -39.29
N ALA C 126 -33.68 17.05 -38.18
CA ALA C 126 -34.63 17.57 -37.18
C ALA C 126 -35.43 18.78 -37.65
N ARG C 127 -35.05 19.36 -38.78
CA ARG C 127 -35.81 20.51 -39.31
C ARG C 127 -37.21 20.04 -39.70
N ASN C 128 -37.38 18.73 -39.90
CA ASN C 128 -38.68 18.19 -40.27
C ASN C 128 -39.62 17.86 -39.11
N ILE C 129 -39.15 18.02 -37.88
CA ILE C 129 -40.02 17.77 -36.73
C ILE C 129 -41.01 18.96 -36.62
N PRO C 130 -42.33 18.70 -36.56
CA PRO C 130 -43.26 19.85 -36.46
C PRO C 130 -42.86 20.71 -35.26
N PRO C 131 -42.86 22.04 -35.42
CA PRO C 131 -42.48 22.93 -34.31
C PRO C 131 -43.23 22.64 -33.02
N GLU C 132 -44.54 22.40 -33.12
CA GLU C 132 -45.31 22.12 -31.92
C GLU C 132 -44.86 20.83 -31.23
N GLU C 133 -44.55 19.81 -32.02
CA GLU C 133 -44.10 18.53 -31.46
C GLU C 133 -42.77 18.76 -30.74
N ALA C 134 -41.89 19.55 -31.36
CA ALA C 134 -40.58 19.84 -30.76
C ALA C 134 -40.77 20.47 -29.40
N GLU C 135 -41.67 21.45 -29.33
CA GLU C 135 -41.96 22.14 -28.07
C GLU C 135 -42.50 21.20 -27.02
N GLU C 136 -43.38 20.28 -27.43
CA GLU C 136 -43.93 19.32 -26.48
C GLU C 136 -42.84 18.38 -25.94
N ARG C 137 -41.99 17.87 -26.84
CA ARG C 137 -40.94 16.98 -26.41
C ARG C 137 -39.97 17.68 -25.48
N ALA C 138 -39.77 18.98 -25.71
CA ALA C 138 -38.89 19.76 -24.83
C ALA C 138 -39.57 19.91 -23.46
N ARG C 139 -40.84 20.28 -23.46
CA ARG C 139 -41.58 20.43 -22.21
C ARG C 139 -41.57 19.14 -21.39
N ARG C 140 -41.77 17.99 -22.03
CA ARG C 140 -41.75 16.72 -21.33
C ARG C 140 -40.38 16.48 -20.72
N GLY C 141 -39.41 17.30 -21.10
CA GLY C 141 -38.07 17.14 -20.57
C GLY C 141 -37.11 16.29 -21.38
N GLU C 142 -37.46 16.00 -22.63
CA GLU C 142 -36.58 15.18 -23.48
C GLU C 142 -35.32 15.98 -23.78
N PRO C 143 -34.14 15.40 -23.54
CA PRO C 143 -32.88 16.10 -23.81
C PRO C 143 -32.72 16.46 -25.28
N HIS C 144 -32.25 17.67 -25.53
CA HIS C 144 -32.07 18.14 -26.91
C HIS C 144 -31.12 19.32 -26.98
N VAL C 145 -30.72 19.66 -28.21
CA VAL C 145 -29.85 20.82 -28.44
C VAL C 145 -30.66 21.76 -29.31
N ILE C 146 -30.17 22.98 -29.47
CA ILE C 146 -30.79 23.92 -30.38
C ILE C 146 -29.74 24.21 -31.44
N ARG C 147 -30.14 24.07 -32.70
CA ARG C 147 -29.24 24.27 -33.82
C ARG C 147 -29.59 25.50 -34.66
N LEU C 148 -28.57 26.06 -35.30
CA LEU C 148 -28.75 27.20 -36.19
C LEU C 148 -29.41 26.66 -37.45
N LYS C 149 -30.47 27.32 -37.89
CA LYS C 149 -31.18 26.88 -39.08
C LYS C 149 -30.64 27.69 -40.25
N VAL C 150 -29.59 27.20 -40.89
CA VAL C 150 -29.00 27.91 -42.01
C VAL C 150 -29.94 28.00 -43.20
N PRO C 151 -30.05 29.20 -43.80
CA PRO C 151 -30.92 29.42 -44.96
C PRO C 151 -30.33 28.67 -46.15
N ARG C 152 -31.03 27.66 -46.62
CA ARG C 152 -30.55 26.90 -47.76
C ARG C 152 -31.62 26.91 -48.86
N PRO C 153 -31.20 27.08 -50.13
CA PRO C 153 -29.81 27.25 -50.54
C PRO C 153 -29.49 28.74 -50.33
N GLY C 154 -28.23 29.09 -50.47
CA GLY C 154 -27.86 30.48 -50.27
C GLY C 154 -26.36 30.67 -50.24
N THR C 155 -25.96 31.91 -50.02
CA THR C 155 -24.56 32.26 -50.03
C THR C 155 -24.33 33.26 -48.89
N THR C 156 -23.14 33.24 -48.29
CA THR C 156 -22.87 34.16 -47.18
C THR C 156 -21.55 34.87 -47.35
N GLU C 157 -21.59 36.19 -47.36
CA GLU C 157 -20.36 36.97 -47.52
C GLU C 157 -19.73 37.34 -46.19
N VAL C 158 -18.43 37.10 -46.09
CA VAL C 158 -17.69 37.45 -44.89
C VAL C 158 -16.57 38.41 -45.29
N LYS C 159 -16.47 39.51 -44.58
CA LYS C 159 -15.43 40.46 -44.90
C LYS C 159 -14.38 40.43 -43.81
N ASP C 160 -13.14 40.12 -44.20
CA ASP C 160 -12.02 40.14 -43.27
C ASP C 160 -11.28 41.42 -43.70
N GLU C 161 -10.98 42.30 -42.75
CA GLU C 161 -10.33 43.56 -43.07
C GLU C 161 -8.92 43.42 -43.65
N LEU C 162 -8.28 42.29 -43.42
CA LEU C 162 -6.94 42.09 -43.94
C LEU C 162 -6.87 41.30 -45.24
N ARG C 163 -7.86 40.44 -45.47
CA ARG C 163 -7.87 39.58 -46.66
C ARG C 163 -8.94 39.91 -47.71
N GLY C 164 -9.86 40.82 -47.40
CA GLY C 164 -10.89 41.13 -48.37
C GLY C 164 -12.12 40.25 -48.12
N VAL C 165 -13.02 40.22 -49.10
CA VAL C 165 -14.25 39.46 -48.94
C VAL C 165 -14.18 38.02 -49.40
N VAL C 166 -14.82 37.13 -48.64
CA VAL C 166 -14.89 35.72 -49.03
C VAL C 166 -16.37 35.36 -49.06
N VAL C 167 -16.80 34.73 -50.15
CA VAL C 167 -18.19 34.35 -50.29
C VAL C 167 -18.34 32.85 -50.10
N TYR C 168 -19.00 32.45 -49.02
CA TYR C 168 -19.21 31.04 -48.74
C TYR C 168 -20.52 30.56 -49.31
N ASP C 169 -20.54 29.29 -49.70
CA ASP C 169 -21.77 28.70 -50.19
C ASP C 169 -22.40 28.18 -48.90
N ASN C 170 -23.69 28.40 -48.71
CA ASN C 170 -24.31 27.97 -47.49
C ASN C 170 -24.23 26.47 -47.27
N GLN C 171 -24.06 25.72 -48.35
CA GLN C 171 -23.96 24.26 -48.21
C GLN C 171 -22.69 23.89 -47.46
N GLU C 172 -21.77 24.84 -47.38
CA GLU C 172 -20.50 24.66 -46.68
C GLU C 172 -20.65 25.00 -45.19
N ILE C 173 -21.78 25.59 -44.82
CA ILE C 173 -22.05 26.03 -43.44
C ILE C 173 -23.02 25.10 -42.74
N PRO C 174 -22.55 24.37 -41.71
CA PRO C 174 -23.45 23.46 -41.01
C PRO C 174 -24.45 24.12 -40.10
N ASP C 175 -25.52 23.39 -39.80
CA ASP C 175 -26.56 23.81 -38.87
C ASP C 175 -25.93 23.54 -37.49
N VAL C 176 -24.97 24.37 -37.10
CA VAL C 176 -24.27 24.16 -35.84
C VAL C 176 -25.12 24.19 -34.58
N VAL C 177 -24.73 23.40 -33.59
CA VAL C 177 -25.43 23.43 -32.31
C VAL C 177 -25.08 24.77 -31.71
N LEU C 178 -26.10 25.44 -31.16
CA LEU C 178 -25.97 26.73 -30.50
C LEU C 178 -26.08 26.59 -28.97
N LEU C 179 -27.02 25.76 -28.54
CA LEU C 179 -27.25 25.51 -27.12
C LEU C 179 -27.18 23.99 -26.92
N LYS C 180 -26.28 23.56 -26.05
CA LYS C 180 -26.08 22.15 -25.76
C LYS C 180 -27.19 21.61 -24.87
N SER C 181 -27.27 20.27 -24.76
CA SER C 181 -28.35 19.67 -23.97
C SER C 181 -28.17 19.82 -22.48
N ASP C 182 -27.01 20.29 -22.04
CA ASP C 182 -26.77 20.52 -20.60
C ASP C 182 -27.09 21.98 -20.31
N GLY C 183 -27.68 22.67 -21.29
CA GLY C 183 -28.06 24.07 -21.11
C GLY C 183 -26.95 25.10 -21.33
N TYR C 184 -25.77 24.64 -21.69
CA TYR C 184 -24.66 25.53 -21.95
C TYR C 184 -24.64 25.88 -23.42
N PRO C 185 -24.18 27.08 -23.75
CA PRO C 185 -24.16 27.43 -25.19
C PRO C 185 -22.86 26.91 -25.79
N THR C 186 -22.73 26.91 -27.11
CA THR C 186 -21.46 26.53 -27.69
C THR C 186 -20.77 27.86 -27.91
N TYR C 187 -19.50 27.78 -28.26
CA TYR C 187 -18.72 28.98 -28.56
C TYR C 187 -19.45 29.93 -29.55
N HIS C 188 -20.02 29.39 -30.64
CA HIS C 188 -20.69 30.22 -31.66
C HIS C 188 -21.80 31.14 -31.13
N LEU C 189 -22.68 30.57 -30.33
CA LEU C 189 -23.77 31.34 -29.75
C LEU C 189 -23.29 32.43 -28.78
N ALA C 190 -22.47 32.01 -27.81
CA ALA C 190 -22.01 32.90 -26.75
C ALA C 190 -21.14 34.04 -27.21
N ASN C 191 -20.32 33.76 -28.20
CA ASN C 191 -19.39 34.73 -28.75
C ASN C 191 -20.13 35.89 -29.39
N VAL C 192 -21.16 35.59 -30.18
CA VAL C 192 -21.94 36.64 -30.85
C VAL C 192 -22.78 37.42 -29.86
N VAL C 193 -23.47 36.69 -28.98
CA VAL C 193 -24.29 37.35 -27.96
C VAL C 193 -23.44 38.26 -27.10
N ASP C 194 -22.33 37.78 -26.56
CA ASP C 194 -21.51 38.62 -25.71
C ASP C 194 -20.74 39.71 -26.44
N ASP C 195 -20.27 39.46 -27.66
CA ASP C 195 -19.59 40.53 -28.38
C ASP C 195 -20.63 41.65 -28.57
N HIS C 196 -21.84 41.29 -28.93
CA HIS C 196 -22.86 42.32 -29.12
C HIS C 196 -23.18 43.13 -27.84
N LEU C 197 -23.50 42.40 -26.77
CA LEU C 197 -23.86 43.01 -25.49
C LEU C 197 -22.72 43.81 -24.87
N MET C 198 -21.48 43.38 -25.09
CA MET C 198 -20.38 44.11 -24.52
C MET C 198 -19.91 45.22 -25.45
N GLY C 199 -20.61 45.41 -26.58
CA GLY C 199 -20.29 46.46 -27.52
C GLY C 199 -19.04 46.29 -28.41
N VAL C 200 -18.50 45.07 -28.56
CA VAL C 200 -17.29 44.98 -29.39
C VAL C 200 -17.52 45.38 -30.86
N THR C 201 -16.59 46.17 -31.37
CA THR C 201 -16.70 46.65 -32.74
C THR C 201 -15.63 46.03 -33.61
N ASP C 202 -14.55 45.57 -32.98
CA ASP C 202 -13.46 45.00 -33.74
C ASP C 202 -13.02 43.67 -33.16
N VAL C 203 -13.29 42.59 -33.90
CA VAL C 203 -12.91 41.26 -33.49
C VAL C 203 -11.59 40.90 -34.15
N ILE C 204 -10.54 40.80 -33.32
CA ILE C 204 -9.21 40.48 -33.79
C ILE C 204 -8.91 39.14 -33.14
N ARG C 205 -8.80 38.11 -33.97
CA ARG C 205 -8.53 36.77 -33.45
C ARG C 205 -7.69 35.98 -34.46
N ALA C 206 -7.24 34.80 -34.04
CA ALA C 206 -6.40 33.96 -34.84
C ALA C 206 -7.15 33.40 -36.04
N GLU C 207 -6.37 33.16 -37.09
CA GLU C 207 -6.85 32.61 -38.35
C GLU C 207 -7.60 31.28 -38.20
N GLU C 208 -7.37 30.54 -37.13
CA GLU C 208 -8.11 29.30 -36.99
C GLU C 208 -9.62 29.52 -36.91
N TRP C 209 -10.06 30.76 -36.68
CA TRP C 209 -11.51 31.05 -36.57
C TRP C 209 -12.13 31.63 -37.85
N LEU C 210 -11.31 31.87 -38.88
CA LEU C 210 -11.80 32.45 -40.14
C LEU C 210 -13.00 31.71 -40.66
N VAL C 211 -12.89 30.39 -40.81
CA VAL C 211 -14.00 29.59 -41.32
C VAL C 211 -15.23 29.58 -40.45
N SER C 212 -15.09 29.87 -39.17
CA SER C 212 -16.28 29.87 -38.36
C SER C 212 -17.01 31.24 -38.52
N THR C 213 -16.32 32.23 -39.09
CA THR C 213 -16.93 33.57 -39.26
C THR C 213 -18.30 33.62 -40.01
N PRO C 214 -18.49 32.83 -41.07
CA PRO C 214 -19.82 32.93 -41.72
C PRO C 214 -20.94 32.50 -40.76
N ILE C 215 -20.68 31.52 -39.89
CA ILE C 215 -21.71 31.13 -38.92
C ILE C 215 -22.05 32.38 -38.08
N HIS C 216 -21.03 33.15 -37.69
CA HIS C 216 -21.26 34.33 -36.87
C HIS C 216 -22.02 35.44 -37.60
N VAL C 217 -21.69 35.64 -38.89
CA VAL C 217 -22.36 36.62 -39.72
C VAL C 217 -23.84 36.28 -39.79
N LEU C 218 -24.14 34.99 -39.89
CA LEU C 218 -25.53 34.55 -39.95
C LEU C 218 -26.26 34.83 -38.63
N LEU C 219 -25.60 34.59 -37.50
CA LEU C 219 -26.22 34.84 -36.20
C LEU C 219 -26.48 36.34 -36.03
N TYR C 220 -25.51 37.18 -36.43
CA TYR C 220 -25.77 38.63 -36.32
C TYR C 220 -26.99 39.01 -37.17
N ARG C 221 -27.13 38.38 -38.34
CA ARG C 221 -28.30 38.66 -39.19
C ARG C 221 -29.56 38.13 -38.51
N ALA C 222 -29.50 36.90 -38.01
CA ALA C 222 -30.65 36.29 -37.35
C ALA C 222 -31.17 37.19 -36.21
N PHE C 223 -30.26 37.80 -35.44
CA PHE C 223 -30.66 38.66 -34.33
C PHE C 223 -30.99 40.08 -34.74
N GLY C 224 -30.68 40.43 -36.00
CA GLY C 224 -30.93 41.79 -36.47
C GLY C 224 -29.92 42.79 -35.92
N TRP C 225 -28.69 42.33 -35.68
CA TRP C 225 -27.64 43.19 -35.14
C TRP C 225 -26.58 43.46 -36.19
N GLU C 226 -25.85 44.55 -36.04
CA GLU C 226 -24.78 44.92 -36.97
C GLU C 226 -23.49 44.15 -36.60
N ALA C 227 -22.92 43.48 -37.58
CA ALA C 227 -21.70 42.71 -37.37
C ALA C 227 -20.50 43.63 -37.13
N PRO C 228 -19.53 43.18 -36.34
CA PRO C 228 -18.35 44.04 -36.11
C PRO C 228 -17.37 43.76 -37.25
N ARG C 229 -16.25 44.46 -37.25
CA ARG C 229 -15.21 44.26 -38.25
C ARG C 229 -14.43 43.04 -37.75
N PHE C 230 -13.92 42.24 -38.69
CA PHE C 230 -13.15 41.05 -38.32
C PHE C 230 -11.76 41.17 -38.89
N TYR C 231 -10.75 40.80 -38.08
CA TYR C 231 -9.34 40.79 -38.48
C TYR C 231 -8.76 39.45 -38.03
N HIS C 232 -8.37 38.59 -38.96
CA HIS C 232 -7.81 37.31 -38.54
C HIS C 232 -6.30 37.32 -38.65
N MET C 233 -5.65 37.20 -37.51
CA MET C 233 -4.19 37.20 -37.43
C MET C 233 -3.63 35.83 -37.81
N PRO C 234 -2.43 35.79 -38.41
CA PRO C 234 -1.85 34.51 -38.79
C PRO C 234 -1.47 33.70 -37.55
N LEU C 235 -1.59 32.38 -37.60
CA LEU C 235 -1.25 31.55 -36.44
C LEU C 235 0.25 31.43 -36.27
N LEU C 236 0.69 31.47 -35.01
CA LEU C 236 2.09 31.29 -34.65
C LEU C 236 2.37 29.80 -35.02
N ARG C 237 3.57 29.49 -35.48
CA ARG C 237 3.90 28.11 -35.89
C ARG C 237 5.10 27.48 -35.22
N ASN C 238 5.10 26.14 -35.23
CA ASN C 238 6.22 25.33 -34.75
C ASN C 238 7.22 25.41 -35.88
N PRO C 239 8.42 24.88 -35.67
CA PRO C 239 9.44 24.92 -36.73
C PRO C 239 8.97 24.24 -38.02
N ASP C 240 8.15 23.21 -37.89
CA ASP C 240 7.68 22.50 -39.08
C ASP C 240 6.54 23.21 -39.78
N LYS C 241 6.22 24.43 -39.34
CA LYS C 241 5.16 25.23 -39.94
C LYS C 241 3.72 24.86 -39.57
N THR C 242 3.54 23.85 -38.73
CA THR C 242 2.20 23.52 -38.29
C THR C 242 1.88 24.56 -37.18
N LYS C 243 0.60 24.77 -36.84
CA LYS C 243 0.25 25.75 -35.82
C LYS C 243 0.95 25.36 -34.53
N ILE C 244 1.53 26.36 -33.86
CA ILE C 244 2.30 26.11 -32.66
C ILE C 244 1.58 25.16 -31.71
N SER C 245 2.31 24.18 -31.19
CA SER C 245 1.69 23.21 -30.26
C SER C 245 2.63 22.79 -29.15
N LYS C 246 2.04 22.32 -28.06
CA LYS C 246 2.75 21.90 -26.86
C LYS C 246 3.81 20.81 -27.07
N ARG C 247 3.67 20.01 -28.12
CA ARG C 247 4.66 18.96 -28.36
C ARG C 247 5.87 19.39 -29.20
N LYS C 248 5.66 20.26 -30.16
CA LYS C 248 6.75 20.70 -31.02
C LYS C 248 7.37 22.02 -30.57
N SER C 249 6.72 22.70 -29.63
CA SER C 249 7.21 23.96 -29.12
C SER C 249 6.79 24.22 -27.68
N HIS C 250 7.37 25.25 -27.09
CA HIS C 250 6.99 25.67 -25.75
C HIS C 250 5.89 26.68 -26.00
N THR C 251 4.70 26.39 -25.49
CA THR C 251 3.57 27.29 -25.70
C THR C 251 3.09 27.86 -24.38
N SER C 252 3.59 27.34 -23.26
CA SER C 252 3.17 27.84 -21.94
C SER C 252 3.92 29.10 -21.53
N LEU C 253 3.17 30.16 -21.23
CA LEU C 253 3.80 31.40 -20.77
C LEU C 253 4.52 31.18 -19.45
N ASP C 254 4.07 30.19 -18.68
CA ASP C 254 4.68 29.89 -17.41
C ASP C 254 6.05 29.26 -17.62
N TRP C 255 6.23 28.58 -18.74
CA TRP C 255 7.54 28.02 -19.05
C TRP C 255 8.50 29.19 -19.34
N TYR C 256 8.08 30.16 -20.15
CA TYR C 256 8.95 31.30 -20.47
C TYR C 256 9.36 32.07 -19.21
N LYS C 257 8.40 32.30 -18.31
CA LYS C 257 8.70 33.03 -17.08
C LYS C 257 9.66 32.23 -16.24
N ALA C 258 9.37 30.94 -16.06
CA ALA C 258 10.24 30.05 -15.28
C ALA C 258 11.64 29.96 -15.88
N GLU C 259 11.75 30.06 -17.18
CA GLU C 259 13.05 29.95 -17.81
C GLU C 259 13.88 31.21 -17.73
N GLY C 260 13.30 32.28 -17.18
CA GLY C 260 14.05 33.52 -17.07
C GLY C 260 13.97 34.48 -18.26
N PHE C 261 12.89 34.41 -19.04
CA PHE C 261 12.71 35.35 -20.14
C PHE C 261 12.00 36.55 -19.53
N LEU C 262 12.39 37.75 -19.94
CA LEU C 262 11.78 38.98 -19.44
C LEU C 262 10.46 39.19 -20.14
N PRO C 263 9.40 39.57 -19.39
CA PRO C 263 8.12 39.78 -20.05
C PRO C 263 8.21 40.84 -21.16
N GLU C 264 9.05 41.86 -20.95
CA GLU C 264 9.15 42.93 -21.96
C GLU C 264 9.75 42.45 -23.29
N ALA C 265 10.71 41.55 -23.17
CA ALA C 265 11.38 40.98 -24.34
C ALA C 265 10.41 40.02 -25.05
N LEU C 266 9.75 39.16 -24.30
CA LEU C 266 8.80 38.23 -24.91
C LEU C 266 7.72 39.03 -25.66
N ARG C 267 7.22 40.07 -25.00
CA ARG C 267 6.20 40.92 -25.60
C ARG C 267 6.75 41.57 -26.87
N ASN C 268 7.97 42.10 -26.80
CA ASN C 268 8.59 42.73 -27.97
C ASN C 268 8.74 41.70 -29.12
N TYR C 269 9.15 40.49 -28.79
CA TYR C 269 9.30 39.45 -29.79
C TYR C 269 7.94 39.13 -30.44
N LEU C 270 6.90 39.02 -29.62
CA LEU C 270 5.59 38.73 -30.14
C LEU C 270 5.11 39.81 -31.11
N CYS C 271 5.48 41.07 -30.87
CA CYS C 271 5.08 42.17 -31.77
C CYS C 271 5.66 41.93 -33.17
N LEU C 272 6.85 41.36 -33.22
CA LEU C 272 7.54 41.09 -34.48
C LEU C 272 6.94 39.91 -35.26
N MET C 273 5.97 39.21 -34.66
CA MET C 273 5.33 38.11 -35.34
C MET C 273 4.20 38.75 -36.15
N GLY C 274 4.47 39.05 -37.41
CA GLY C 274 3.41 39.67 -38.21
C GLY C 274 3.42 41.19 -38.29
N PHE C 275 4.20 41.86 -37.45
CA PHE C 275 4.27 43.31 -37.53
C PHE C 275 5.71 43.81 -37.59
N SER C 276 5.91 44.95 -38.25
CA SER C 276 7.25 45.51 -38.30
C SER C 276 7.13 47.01 -38.23
N MET C 277 8.17 47.65 -37.69
CA MET C 277 8.24 49.09 -37.58
C MET C 277 8.63 49.72 -38.91
N PRO C 278 8.15 50.94 -39.20
CA PRO C 278 8.49 51.61 -40.46
C PRO C 278 10.00 51.65 -40.70
N ASP C 279 10.76 52.08 -39.70
CA ASP C 279 12.21 52.17 -39.82
C ASP C 279 12.98 50.86 -39.61
N GLY C 280 12.27 49.74 -39.50
CA GLY C 280 12.94 48.47 -39.34
C GLY C 280 13.46 48.14 -37.95
N ARG C 281 13.33 49.09 -37.05
CA ARG C 281 13.76 48.93 -35.66
C ARG C 281 13.16 47.67 -35.02
N GLU C 282 14.00 46.89 -34.34
CA GLU C 282 13.47 45.68 -33.74
C GLU C 282 13.22 45.76 -32.24
N ILE C 283 13.93 46.65 -31.56
CA ILE C 283 13.77 46.79 -30.13
C ILE C 283 12.93 48.03 -29.85
N PHE C 284 11.77 47.83 -29.23
CA PHE C 284 10.93 48.97 -28.90
C PHE C 284 9.99 48.67 -27.74
N THR C 285 9.48 49.72 -27.14
CA THR C 285 8.59 49.61 -25.99
C THR C 285 7.17 49.29 -26.42
N LEU C 286 6.38 48.80 -25.47
CA LEU C 286 5.00 48.49 -25.70
C LEU C 286 4.28 49.77 -26.16
N GLU C 287 4.61 50.86 -25.50
CA GLU C 287 3.96 52.12 -25.81
C GLU C 287 4.32 52.57 -27.23
N GLU C 288 5.55 52.30 -27.68
CA GLU C 288 5.94 52.68 -29.04
C GLU C 288 5.19 51.81 -30.07
N PHE C 289 4.87 50.58 -29.67
CA PHE C 289 4.17 49.65 -30.54
C PHE C 289 2.76 50.17 -30.77
N ILE C 290 2.10 50.58 -29.68
CA ILE C 290 0.75 51.11 -29.77
C ILE C 290 0.69 52.28 -30.74
N GLN C 291 1.61 53.22 -30.60
CA GLN C 291 1.66 54.42 -31.41
C GLN C 291 1.93 54.17 -32.90
N ALA C 292 2.79 53.21 -33.20
CA ALA C 292 3.11 52.91 -34.60
C ALA C 292 2.22 51.85 -35.21
N PHE C 293 1.27 51.28 -34.44
CA PHE C 293 0.45 50.22 -35.04
C PHE C 293 -0.48 50.61 -36.19
N THR C 294 -0.51 49.78 -37.23
CA THR C 294 -1.34 50.01 -38.40
C THR C 294 -1.52 48.66 -39.06
N TRP C 295 -2.73 48.36 -39.50
CA TRP C 295 -2.98 47.10 -40.19
C TRP C 295 -2.23 47.02 -41.52
N GLU C 296 -1.77 48.17 -42.04
CA GLU C 296 -1.05 48.18 -43.30
C GLU C 296 0.28 47.47 -43.14
N ARG C 297 0.81 47.42 -41.91
CA ARG C 297 2.08 46.76 -41.67
C ARG C 297 1.98 45.38 -41.02
N VAL C 298 0.84 44.72 -41.18
CA VAL C 298 0.66 43.39 -40.63
C VAL C 298 0.85 42.40 -41.77
N SER C 299 1.80 41.48 -41.66
CA SER C 299 2.03 40.51 -42.75
C SER C 299 1.21 39.25 -42.47
N LEU C 300 0.76 38.57 -43.50
CA LEU C 300 -0.10 37.42 -43.31
C LEU C 300 0.47 35.98 -43.32
N GLY C 301 1.77 35.81 -43.53
CA GLY C 301 2.29 34.45 -43.51
C GLY C 301 2.32 33.90 -42.10
N GLY C 302 2.29 32.57 -41.95
CA GLY C 302 2.33 31.99 -40.61
C GLY C 302 3.74 31.99 -40.01
N PRO C 303 4.06 32.91 -39.07
CA PRO C 303 5.39 32.99 -38.47
C PRO C 303 5.86 31.86 -37.57
N VAL C 304 7.05 31.38 -37.85
CA VAL C 304 7.62 30.34 -37.04
C VAL C 304 8.19 31.03 -35.80
N PHE C 305 7.86 30.50 -34.64
CA PHE C 305 8.33 31.06 -33.40
C PHE C 305 9.73 30.50 -33.22
N ASP C 306 10.70 31.40 -33.25
CA ASP C 306 12.14 31.08 -33.14
C ASP C 306 12.68 31.35 -31.73
N LEU C 307 12.85 30.30 -30.96
CA LEU C 307 13.37 30.43 -29.61
C LEU C 307 14.75 31.07 -29.59
N GLU C 308 15.58 30.76 -30.58
CA GLU C 308 16.92 31.34 -30.61
C GLU C 308 16.86 32.86 -30.73
N LYS C 309 15.93 33.37 -31.53
CA LYS C 309 15.85 34.81 -31.67
C LYS C 309 15.27 35.46 -30.41
N LEU C 310 14.38 34.75 -29.72
CA LEU C 310 13.79 35.24 -28.48
C LEU C 310 14.93 35.39 -27.46
N ARG C 311 15.80 34.38 -27.38
CA ARG C 311 16.91 34.42 -26.44
C ARG C 311 17.83 35.60 -26.75
N TRP C 312 18.10 35.84 -28.04
CA TRP C 312 18.97 36.97 -28.42
C TRP C 312 18.29 38.27 -27.95
N MET C 313 16.99 38.34 -28.17
CA MET C 313 16.26 39.54 -27.79
C MET C 313 16.27 39.72 -26.25
N ASN C 314 16.13 38.60 -25.53
CA ASN C 314 16.11 38.67 -24.07
C ASN C 314 17.45 39.22 -23.60
N GLY C 315 18.55 38.70 -24.15
CA GLY C 315 19.88 39.16 -23.81
C GLY C 315 20.05 40.65 -24.13
N LYS C 316 19.49 41.07 -25.26
CA LYS C 316 19.56 42.47 -25.67
C LYS C 316 18.83 43.36 -24.64
N TYR C 317 17.71 42.91 -24.10
CA TYR C 317 16.98 43.67 -23.09
C TYR C 317 17.80 43.77 -21.80
N ILE C 318 18.41 42.66 -21.43
CA ILE C 318 19.22 42.57 -20.23
C ILE C 318 20.43 43.51 -20.29
N ARG C 319 21.05 43.57 -21.46
CA ARG C 319 22.21 44.42 -21.64
C ARG C 319 21.96 45.89 -21.93
N GLU C 320 20.91 46.18 -22.69
CA GLU C 320 20.65 47.53 -23.16
C GLU C 320 19.36 48.25 -22.83
N VAL C 321 18.35 47.52 -22.41
CA VAL C 321 17.09 48.18 -22.12
C VAL C 321 16.87 48.39 -20.64
N LEU C 322 17.05 47.35 -19.84
CA LEU C 322 16.86 47.48 -18.40
C LEU C 322 18.07 48.15 -17.80
N SER C 323 17.93 48.68 -16.60
CA SER C 323 19.04 49.29 -15.91
C SER C 323 19.72 48.15 -15.13
N LEU C 324 20.94 48.42 -14.69
CA LEU C 324 21.70 47.47 -13.89
C LEU C 324 20.91 47.05 -12.65
N GLU C 325 20.27 48.03 -12.03
CA GLU C 325 19.48 47.77 -10.83
C GLU C 325 18.27 46.89 -11.09
N GLU C 326 17.58 47.10 -12.21
CA GLU C 326 16.41 46.30 -12.56
C GLU C 326 16.88 44.86 -12.79
N VAL C 327 18.00 44.67 -13.49
CA VAL C 327 18.44 43.29 -13.73
C VAL C 327 18.77 42.60 -12.40
N ALA C 328 19.46 43.30 -11.50
CA ALA C 328 19.81 42.75 -10.20
C ALA C 328 18.55 42.32 -9.44
N GLU C 329 17.50 43.11 -9.52
CA GLU C 329 16.27 42.75 -8.83
C GLU C 329 15.64 41.48 -9.45
N ARG C 330 15.55 41.45 -10.78
CA ARG C 330 14.91 40.32 -11.44
C ARG C 330 15.67 39.01 -11.34
N VAL C 331 16.95 39.10 -11.06
CA VAL C 331 17.76 37.90 -10.92
C VAL C 331 17.59 37.22 -9.52
N LYS C 332 17.06 37.95 -8.53
CA LYS C 332 16.92 37.42 -7.16
C LYS C 332 16.12 36.14 -7.05
N PRO C 333 14.93 36.09 -7.67
CA PRO C 333 14.15 34.85 -7.59
C PRO C 333 14.94 33.63 -8.10
N PHE C 334 15.78 33.84 -9.10
CA PHE C 334 16.52 32.72 -9.69
C PHE C 334 17.68 32.31 -8.82
N LEU C 335 18.22 33.27 -8.07
CA LEU C 335 19.29 32.96 -7.16
C LEU C 335 18.64 32.14 -6.05
N ARG C 336 17.48 32.59 -5.58
CA ARG C 336 16.80 31.87 -4.50
C ARG C 336 16.46 30.44 -4.90
N GLU C 337 15.92 30.28 -6.11
CA GLU C 337 15.54 28.95 -6.61
C GLU C 337 16.76 28.04 -6.65
N ALA C 338 17.90 28.60 -6.99
CA ALA C 338 19.15 27.85 -7.09
C ALA C 338 19.78 27.56 -5.71
N GLY C 339 19.18 28.08 -4.65
CA GLY C 339 19.72 27.86 -3.32
C GLY C 339 20.92 28.74 -2.99
N LEU C 340 21.05 29.84 -3.72
CA LEU C 340 22.18 30.74 -3.49
C LEU C 340 21.76 32.03 -2.82
N SER C 341 22.67 32.56 -2.02
CA SER C 341 22.43 33.80 -1.31
C SER C 341 23.48 34.85 -1.75
N TRP C 342 23.19 36.12 -1.50
CA TRP C 342 24.13 37.17 -1.87
C TRP C 342 24.37 37.95 -0.58
N GLU C 343 25.61 38.38 -0.38
CA GLU C 343 26.00 39.10 0.84
C GLU C 343 25.30 40.41 1.08
N SER C 344 25.16 41.22 0.03
CA SER C 344 24.53 42.53 0.14
C SER C 344 24.05 42.96 -1.22
N GLU C 345 23.36 44.09 -1.26
CA GLU C 345 22.85 44.61 -2.50
C GLU C 345 24.02 45.05 -3.38
N ALA C 346 25.02 45.67 -2.76
CA ALA C 346 26.17 46.15 -3.52
C ALA C 346 26.91 45.00 -4.17
N TYR C 347 27.05 43.90 -3.44
CA TYR C 347 27.76 42.75 -3.98
C TYR C 347 27.02 42.19 -5.20
N LEU C 348 25.72 41.97 -5.04
CA LEU C 348 24.88 41.45 -6.10
C LEU C 348 24.92 42.33 -7.35
N ARG C 349 24.78 43.64 -7.16
CA ARG C 349 24.78 44.59 -8.24
C ARG C 349 26.09 44.48 -9.03
N ARG C 350 27.19 44.43 -8.32
CA ARG C 350 28.49 44.30 -8.97
C ARG C 350 28.64 42.97 -9.72
N ALA C 351 28.18 41.88 -9.11
CA ALA C 351 28.26 40.56 -9.75
C ALA C 351 27.41 40.55 -11.04
N VAL C 352 26.20 41.10 -10.95
CA VAL C 352 25.33 41.22 -12.11
C VAL C 352 25.98 42.08 -13.19
N GLU C 353 26.62 43.17 -12.80
CA GLU C 353 27.31 44.03 -13.75
C GLU C 353 28.42 43.29 -14.50
N LEU C 354 29.21 42.51 -13.78
CA LEU C 354 30.30 41.77 -14.41
C LEU C 354 29.78 40.73 -15.39
N MET C 355 28.61 40.17 -15.06
CA MET C 355 28.02 39.11 -15.88
C MET C 355 27.03 39.51 -16.92
N ARG C 356 26.57 40.76 -16.89
CA ARG C 356 25.55 41.24 -17.82
C ARG C 356 25.66 40.82 -19.28
N PRO C 357 26.84 40.97 -19.88
CA PRO C 357 26.96 40.59 -21.28
C PRO C 357 27.10 39.10 -21.50
N ARG C 358 27.05 38.32 -20.42
CA ARG C 358 27.24 36.86 -20.55
C ARG C 358 26.05 35.94 -20.23
N PHE C 359 24.85 36.47 -20.07
CA PHE C 359 23.70 35.60 -19.87
C PHE C 359 22.51 36.17 -20.62
N ASP C 360 21.81 35.31 -21.34
CA ASP C 360 20.66 35.72 -22.13
C ASP C 360 19.29 35.49 -21.45
N THR C 361 19.27 34.73 -20.37
CA THR C 361 18.05 34.48 -19.59
C THR C 361 18.44 34.63 -18.11
N LEU C 362 17.47 35.01 -17.29
CA LEU C 362 17.76 35.20 -15.87
C LEU C 362 18.18 33.91 -15.22
N LYS C 363 17.72 32.80 -15.75
CA LYS C 363 18.04 31.50 -15.18
C LYS C 363 19.52 31.18 -15.37
N GLU C 364 20.12 31.64 -16.46
CA GLU C 364 21.53 31.40 -16.71
C GLU C 364 22.47 32.13 -15.76
N PHE C 365 22.03 33.25 -15.17
CA PHE C 365 22.93 33.98 -14.25
C PHE C 365 23.47 33.09 -13.08
N PRO C 366 22.57 32.47 -12.30
CA PRO C 366 23.00 31.61 -11.18
C PRO C 366 23.89 30.45 -11.68
N GLU C 367 23.59 29.94 -12.86
CA GLU C 367 24.34 28.83 -13.44
C GLU C 367 25.77 29.23 -13.80
N LYS C 368 25.91 30.28 -14.61
CA LYS C 368 27.24 30.73 -15.04
C LYS C 368 28.07 31.49 -14.01
N ALA C 369 27.44 32.06 -12.99
CA ALA C 369 28.17 32.83 -11.98
C ALA C 369 28.04 32.16 -10.62
N ARG C 370 27.84 30.85 -10.62
CA ARG C 370 27.67 30.15 -9.35
C ARG C 370 28.84 30.37 -8.40
N TYR C 371 30.05 30.38 -8.94
CA TYR C 371 31.23 30.57 -8.12
C TYR C 371 31.30 31.92 -7.40
N LEU C 372 30.49 32.89 -7.84
CA LEU C 372 30.48 34.20 -7.20
C LEU C 372 29.64 34.23 -5.93
N PHE C 373 28.83 33.20 -5.71
CA PHE C 373 27.93 33.18 -4.56
C PHE C 373 28.10 31.99 -3.60
N THR C 374 28.95 31.03 -3.93
CA THR C 374 29.17 29.90 -3.05
C THR C 374 30.48 29.20 -3.37
N GLU C 375 30.99 28.47 -2.38
CA GLU C 375 32.22 27.70 -2.53
C GLU C 375 31.86 26.37 -3.20
N ASP C 376 30.56 26.09 -3.23
CA ASP C 376 30.02 24.89 -3.86
C ASP C 376 29.88 25.07 -5.38
N TYR C 377 31.00 25.20 -6.09
CA TYR C 377 30.93 25.37 -7.53
C TYR C 377 31.71 24.28 -8.22
N PRO C 378 31.38 23.98 -9.48
CA PRO C 378 32.07 22.94 -10.25
C PRO C 378 33.41 23.40 -10.85
N VAL C 379 34.40 22.50 -10.85
CA VAL C 379 35.68 22.82 -11.45
C VAL C 379 35.78 21.95 -12.69
N SER C 380 35.79 22.57 -13.86
CA SER C 380 35.85 21.81 -15.10
C SER C 380 37.19 21.12 -15.22
N GLU C 381 37.23 20.05 -16.02
CA GLU C 381 38.46 19.30 -16.21
C GLU C 381 39.51 20.21 -16.87
N LYS C 382 39.09 20.97 -17.87
CA LYS C 382 39.97 21.87 -18.59
C LYS C 382 40.52 22.97 -17.66
N ALA C 383 39.72 23.38 -16.68
CA ALA C 383 40.19 24.39 -15.75
C ALA C 383 41.14 23.70 -14.77
N GLN C 384 40.85 22.45 -14.43
CA GLN C 384 41.67 21.69 -13.50
C GLN C 384 43.06 21.47 -14.09
N ARG C 385 43.12 21.33 -15.40
CA ARG C 385 44.38 21.11 -16.10
C ARG C 385 45.19 22.41 -16.15
N LYS C 386 44.52 23.53 -16.42
CA LYS C 386 45.20 24.81 -16.49
C LYS C 386 45.74 25.18 -15.11
N LEU C 387 45.03 24.75 -14.08
CA LEU C 387 45.43 25.03 -12.71
C LEU C 387 46.71 24.29 -12.34
N GLU C 388 46.72 22.97 -12.54
CA GLU C 388 47.90 22.17 -12.22
C GLU C 388 49.12 22.69 -12.95
N GLU C 389 48.98 22.92 -14.25
CA GLU C 389 50.11 23.41 -15.02
C GLU C 389 50.66 24.73 -14.50
N GLY C 390 49.78 25.54 -13.89
CA GLY C 390 50.24 26.82 -13.39
C GLY C 390 50.54 26.89 -11.90
N LEU C 391 50.43 25.77 -11.19
CA LEU C 391 50.67 25.77 -9.76
C LEU C 391 51.98 26.42 -9.32
N PRO C 392 53.08 26.08 -9.98
CA PRO C 392 54.36 26.68 -9.58
C PRO C 392 54.37 28.22 -9.73
N LEU C 393 53.83 28.70 -10.84
CA LEU C 393 53.76 30.14 -11.09
C LEU C 393 52.85 30.78 -10.04
N LEU C 394 51.76 30.11 -9.70
CA LEU C 394 50.84 30.64 -8.71
C LEU C 394 51.47 30.66 -7.31
N LYS C 395 52.29 29.65 -7.02
CA LYS C 395 52.95 29.58 -5.71
C LYS C 395 53.83 30.81 -5.55
N GLU C 396 54.60 31.11 -6.59
CA GLU C 396 55.47 32.27 -6.55
C GLU C 396 54.73 33.60 -6.49
N LEU C 397 53.52 33.63 -7.04
CA LEU C 397 52.72 34.85 -7.06
C LEU C 397 52.01 35.09 -5.73
N TYR C 398 51.51 34.01 -5.13
CA TYR C 398 50.77 34.11 -3.87
C TYR C 398 51.32 35.11 -2.86
N PRO C 399 52.61 34.98 -2.48
CA PRO C 399 53.20 35.92 -1.51
C PRO C 399 53.13 37.40 -1.93
N ARG C 400 53.39 37.68 -3.21
CA ARG C 400 53.34 39.05 -3.71
C ARG C 400 51.91 39.58 -3.54
N LEU C 401 50.94 38.67 -3.56
CA LEU C 401 49.53 39.02 -3.42
C LEU C 401 49.15 39.27 -1.97
N ARG C 402 49.58 38.40 -1.07
CA ARG C 402 49.26 38.59 0.34
C ARG C 402 49.90 39.86 0.86
N ALA C 403 50.82 40.41 0.06
CA ALA C 403 51.55 41.63 0.41
C ALA C 403 50.90 42.89 -0.16
N GLN C 404 50.06 42.72 -1.18
CA GLN C 404 49.36 43.85 -1.79
C GLN C 404 48.37 44.45 -0.80
N GLU C 405 48.51 45.74 -0.50
CA GLU C 405 47.60 46.40 0.44
C GLU C 405 46.38 46.98 -0.30
N GLU C 406 46.63 47.68 -1.39
CA GLU C 406 45.54 48.26 -2.17
C GLU C 406 44.97 47.21 -3.12
N TRP C 407 43.83 46.64 -2.74
CA TRP C 407 43.20 45.62 -3.55
C TRP C 407 42.24 46.23 -4.57
N THR C 408 42.80 46.88 -5.57
CA THR C 408 42.00 47.52 -6.62
C THR C 408 42.30 46.90 -7.98
N GLU C 409 41.35 47.02 -8.90
CA GLU C 409 41.49 46.47 -10.24
C GLU C 409 42.64 47.06 -11.00
N ALA C 410 42.98 48.31 -10.72
CA ALA C 410 44.09 48.99 -11.39
C ALA C 410 45.41 48.55 -10.75
N ALA C 411 45.40 48.43 -9.42
CA ALA C 411 46.56 48.01 -8.65
C ALA C 411 46.93 46.56 -9.01
N LEU C 412 45.95 45.66 -8.88
CA LEU C 412 46.17 44.26 -9.19
C LEU C 412 46.67 44.03 -10.60
N GLU C 413 46.14 44.77 -11.56
CA GLU C 413 46.60 44.56 -12.93
C GLU C 413 48.06 44.91 -13.05
N ALA C 414 48.49 45.98 -12.38
CA ALA C 414 49.88 46.39 -12.45
C ALA C 414 50.79 45.31 -11.82
N LEU C 415 50.40 44.82 -10.64
CA LEU C 415 51.15 43.77 -9.97
C LEU C 415 51.31 42.53 -10.86
N LEU C 416 50.21 42.10 -11.47
CA LEU C 416 50.23 40.92 -12.32
C LEU C 416 51.00 41.12 -13.60
N ARG C 417 50.83 42.29 -14.22
CA ARG C 417 51.54 42.61 -15.45
C ARG C 417 53.04 42.55 -15.15
N GLY C 418 53.43 43.18 -14.04
CA GLY C 418 54.83 43.21 -13.66
C GLY C 418 55.36 41.80 -13.44
N PHE C 419 54.61 41.00 -12.68
CA PHE C 419 54.99 39.63 -12.36
C PHE C 419 55.18 38.80 -13.63
N ALA C 420 54.29 38.97 -14.60
CA ALA C 420 54.40 38.21 -15.85
C ALA C 420 55.65 38.66 -16.58
N ALA C 421 55.91 39.96 -16.52
CA ALA C 421 57.09 40.53 -17.18
C ALA C 421 58.36 39.98 -16.54
N GLU C 422 58.51 40.18 -15.24
CA GLU C 422 59.69 39.71 -14.51
C GLU C 422 59.89 38.21 -14.67
N LYS C 423 58.79 37.48 -14.87
CA LYS C 423 58.87 36.03 -15.04
C LYS C 423 59.07 35.68 -16.51
N GLY C 424 59.13 36.72 -17.34
CA GLY C 424 59.31 36.52 -18.77
C GLY C 424 58.24 35.63 -19.37
N VAL C 425 56.98 35.91 -19.03
CA VAL C 425 55.88 35.11 -19.54
C VAL C 425 54.70 36.01 -19.92
N LYS C 426 53.85 35.53 -20.81
CA LYS C 426 52.68 36.30 -21.28
C LYS C 426 51.67 36.40 -20.14
N LEU C 427 50.99 37.54 -20.03
CA LEU C 427 50.01 37.73 -18.96
C LEU C 427 49.06 36.56 -18.89
N GLY C 428 48.68 36.04 -20.06
CA GLY C 428 47.75 34.94 -20.10
C GLY C 428 48.18 33.73 -19.31
N GLN C 429 49.48 33.43 -19.36
CA GLN C 429 50.01 32.27 -18.66
C GLN C 429 49.87 32.32 -17.15
N VAL C 430 49.61 33.51 -16.61
CA VAL C 430 49.43 33.60 -15.18
C VAL C 430 47.95 33.84 -14.86
N ALA C 431 47.26 34.57 -15.75
CA ALA C 431 45.83 34.86 -15.58
C ALA C 431 44.94 33.62 -15.67
N GLN C 432 45.15 32.79 -16.68
CA GLN C 432 44.32 31.60 -16.85
C GLN C 432 44.34 30.66 -15.63
N PRO C 433 45.53 30.29 -15.11
CA PRO C 433 45.51 29.40 -13.94
C PRO C 433 44.89 30.09 -12.72
N LEU C 434 45.11 31.38 -12.58
CA LEU C 434 44.52 32.13 -11.47
C LEU C 434 42.99 32.11 -11.64
N ARG C 435 42.51 32.38 -12.85
CA ARG C 435 41.07 32.35 -13.11
C ARG C 435 40.53 30.99 -12.70
N ALA C 436 41.20 29.92 -13.13
CA ALA C 436 40.74 28.57 -12.78
C ALA C 436 40.68 28.40 -11.27
N ALA C 437 41.65 28.96 -10.56
CA ALA C 437 41.70 28.85 -9.11
C ALA C 437 40.55 29.60 -8.40
N LEU C 438 40.17 30.75 -8.93
CA LEU C 438 39.12 31.57 -8.33
C LEU C 438 37.69 31.22 -8.74
N THR C 439 37.56 30.65 -9.94
CA THR C 439 36.24 30.37 -10.48
C THR C 439 35.95 28.94 -10.87
N GLY C 440 36.97 28.10 -11.01
CA GLY C 440 36.72 26.73 -11.43
C GLY C 440 36.30 26.68 -12.89
N SER C 441 36.55 27.75 -13.62
CA SER C 441 36.19 27.81 -15.04
C SER C 441 37.18 28.66 -15.81
N LEU C 442 37.22 28.47 -17.12
CA LEU C 442 38.12 29.27 -17.96
C LEU C 442 37.31 30.27 -18.78
N GLU C 443 36.01 30.37 -18.49
CA GLU C 443 35.09 31.29 -19.17
C GLU C 443 34.40 32.18 -18.13
N THR C 444 34.95 33.37 -17.95
CA THR C 444 34.44 34.28 -16.94
C THR C 444 34.66 35.74 -17.33
N PRO C 445 34.32 36.68 -16.43
CA PRO C 445 34.59 38.06 -16.86
C PRO C 445 36.09 38.27 -16.61
N GLY C 446 36.53 39.52 -16.75
CA GLY C 446 37.93 39.87 -16.57
C GLY C 446 38.52 39.47 -15.23
N LEU C 447 39.77 39.04 -15.26
CA LEU C 447 40.46 38.60 -14.07
C LEU C 447 40.57 39.67 -12.98
N PHE C 448 40.88 40.90 -13.36
CA PHE C 448 41.03 41.93 -12.36
C PHE C 448 39.76 42.22 -11.60
N GLU C 449 38.64 42.32 -12.32
CA GLU C 449 37.39 42.61 -11.65
C GLU C 449 36.95 41.42 -10.81
N ILE C 450 37.28 40.21 -11.26
CA ILE C 450 36.93 39.01 -10.51
C ILE C 450 37.79 38.93 -9.26
N LEU C 451 39.06 39.29 -9.40
CA LEU C 451 39.98 39.26 -8.25
C LEU C 451 39.54 40.30 -7.23
N ALA C 452 39.22 41.50 -7.72
CA ALA C 452 38.78 42.60 -6.88
C ALA C 452 37.49 42.25 -6.12
N LEU C 453 36.45 41.93 -6.86
CA LEU C 453 35.13 41.60 -6.33
C LEU C 453 35.06 40.97 -4.93
N LEU C 454 35.67 39.81 -4.75
CA LEU C 454 35.62 39.12 -3.46
C LEU C 454 36.34 39.86 -2.32
N GLY C 455 37.32 40.69 -2.67
CA GLY C 455 38.11 41.39 -1.67
C GLY C 455 39.29 40.51 -1.30
N LYS C 456 40.38 41.12 -0.81
CA LYS C 456 41.60 40.40 -0.43
C LYS C 456 41.46 39.05 0.29
N GLU C 457 40.95 39.07 1.51
CA GLU C 457 40.77 37.84 2.28
C GLU C 457 40.15 36.68 1.50
N ARG C 458 38.93 36.90 1.03
CA ARG C 458 38.19 35.88 0.27
C ARG C 458 38.96 35.34 -0.94
N ALA C 459 39.55 36.27 -1.70
CA ALA C 459 40.30 35.90 -2.88
C ALA C 459 41.42 34.92 -2.52
N LEU C 460 42.36 35.39 -1.72
CA LEU C 460 43.49 34.58 -1.28
C LEU C 460 43.02 33.29 -0.61
N ARG C 461 41.98 33.39 0.22
CA ARG C 461 41.43 32.25 0.93
C ARG C 461 41.14 31.09 -0.02
N ARG C 462 40.55 31.40 -1.18
CA ARG C 462 40.22 30.40 -2.19
C ARG C 462 41.46 30.00 -2.98
N LEU C 463 42.35 30.97 -3.21
CA LEU C 463 43.58 30.71 -3.94
C LEU C 463 44.42 29.71 -3.16
N GLU C 464 44.35 29.81 -1.82
CA GLU C 464 45.10 28.92 -0.95
C GLU C 464 44.65 27.48 -1.09
N ARG C 465 43.33 27.26 -1.05
CA ARG C 465 42.80 25.91 -1.18
C ARG C 465 43.24 25.32 -2.53
N ALA C 466 43.48 26.17 -3.50
CA ALA C 466 43.90 25.72 -4.82
C ALA C 466 45.38 25.34 -4.80
N LEU C 467 46.15 25.97 -3.91
CA LEU C 467 47.57 25.67 -3.81
C LEU C 467 47.79 24.55 -2.79
N ALA C 468 46.70 24.14 -2.13
CA ALA C 468 46.80 23.07 -1.14
C ALA C 468 47.36 21.81 -1.82
N MET D 1 -22.17 -13.99 14.15
CA MET D 1 -20.72 -14.31 14.38
C MET D 1 -20.42 -15.83 14.23
N VAL D 2 -19.16 -16.20 14.40
CA VAL D 2 -18.71 -17.57 14.30
C VAL D 2 -18.81 -18.30 15.64
N VAL D 3 -19.50 -19.43 15.65
CA VAL D 3 -19.64 -20.25 16.87
C VAL D 3 -19.17 -21.69 16.58
N THR D 4 -18.14 -22.15 17.30
CA THR D 4 -17.65 -23.52 17.11
C THR D 4 -17.85 -24.25 18.44
N ARG D 5 -17.65 -25.57 18.41
CA ARG D 5 -17.76 -26.38 19.60
C ARG D 5 -16.95 -27.67 19.59
N ILE D 6 -16.72 -28.21 20.78
CA ILE D 6 -16.09 -29.49 20.96
C ILE D 6 -17.24 -30.18 21.72
N ALA D 7 -17.52 -31.44 21.41
CA ALA D 7 -18.61 -32.13 22.09
C ALA D 7 -18.17 -33.50 22.51
N PRO D 8 -17.23 -33.59 23.46
CA PRO D 8 -16.72 -34.88 23.96
C PRO D 8 -17.70 -35.72 24.76
N SER D 9 -17.51 -37.03 24.69
CA SER D 9 -18.32 -37.99 25.42
C SER D 9 -17.44 -38.41 26.59
N PRO D 10 -17.92 -38.29 27.83
CA PRO D 10 -17.15 -38.69 29.00
C PRO D 10 -17.12 -40.21 29.13
N THR D 11 -16.26 -40.89 28.37
CA THR D 11 -16.21 -42.35 28.44
C THR D 11 -14.82 -42.92 28.77
N GLY D 12 -13.92 -42.06 29.24
CA GLY D 12 -12.58 -42.53 29.57
C GLY D 12 -11.61 -41.40 29.86
N ASP D 13 -10.31 -41.67 29.73
CA ASP D 13 -9.27 -40.67 29.97
C ASP D 13 -9.33 -39.58 28.88
N PRO D 14 -8.95 -38.34 29.23
CA PRO D 14 -8.97 -37.27 28.22
C PRO D 14 -8.03 -37.73 27.10
N HIS D 15 -8.53 -37.70 25.87
CA HIS D 15 -7.80 -38.19 24.70
C HIS D 15 -7.11 -37.10 23.86
N VAL D 16 -5.94 -37.43 23.32
CA VAL D 16 -5.19 -36.47 22.52
C VAL D 16 -5.96 -36.07 21.27
N GLY D 17 -6.83 -36.94 20.77
CA GLY D 17 -7.62 -36.59 19.60
C GLY D 17 -8.60 -35.48 19.96
N THR D 18 -9.05 -35.46 21.22
CA THR D 18 -9.98 -34.41 21.64
C THR D 18 -9.24 -33.08 21.72
N ALA D 19 -8.00 -33.11 22.21
CA ALA D 19 -7.18 -31.90 22.32
C ALA D 19 -6.93 -31.36 20.91
N TYR D 20 -6.67 -32.28 19.97
CA TYR D 20 -6.41 -31.93 18.55
C TYR D 20 -7.60 -31.16 17.94
N ILE D 21 -8.78 -31.76 17.97
CA ILE D 21 -9.96 -31.09 17.41
C ILE D 21 -10.33 -29.80 18.19
N ALA D 22 -10.18 -29.83 19.52
CA ALA D 22 -10.49 -28.65 20.35
C ALA D 22 -9.63 -27.49 19.89
N LEU D 23 -8.35 -27.77 19.73
CA LEU D 23 -7.38 -26.77 19.31
C LEU D 23 -7.79 -26.04 18.03
N PHE D 24 -8.23 -26.78 17.01
CA PHE D 24 -8.63 -26.11 15.79
C PHE D 24 -10.00 -25.38 15.93
N ASN D 25 -10.87 -25.86 16.82
CA ASN D 25 -12.14 -25.19 17.00
C ASN D 25 -11.90 -23.84 17.71
N TYR D 26 -11.01 -23.90 18.70
CA TYR D 26 -10.63 -22.73 19.48
C TYR D 26 -9.97 -21.70 18.57
N ALA D 27 -9.04 -22.16 17.75
CA ALA D 27 -8.37 -21.24 16.83
C ALA D 27 -9.36 -20.56 15.88
N TRP D 28 -10.24 -21.33 15.27
CA TRP D 28 -11.17 -20.73 14.32
C TRP D 28 -12.16 -19.76 14.99
N ALA D 29 -12.57 -20.05 16.21
CA ALA D 29 -13.47 -19.13 16.90
C ALA D 29 -12.70 -17.83 17.20
N ARG D 30 -11.53 -17.94 17.81
CA ARG D 30 -10.75 -16.76 18.15
C ARG D 30 -10.34 -15.92 16.91
N ARG D 31 -9.91 -16.58 15.85
CA ARG D 31 -9.49 -15.87 14.64
C ARG D 31 -10.62 -15.02 14.09
N ASN D 32 -11.87 -15.42 14.35
CA ASN D 32 -13.03 -14.69 13.86
C ASN D 32 -13.80 -13.93 14.95
N GLY D 33 -13.21 -13.79 16.13
CA GLY D 33 -13.88 -13.11 17.22
C GLY D 33 -15.24 -13.71 17.48
N GLY D 34 -15.30 -15.05 17.44
CA GLY D 34 -16.55 -15.74 17.70
C GLY D 34 -16.50 -16.45 19.05
N ARG D 35 -17.32 -17.48 19.24
CA ARG D 35 -17.35 -18.22 20.48
C ARG D 35 -17.02 -19.72 20.32
N PHE D 36 -16.25 -20.25 21.25
CA PHE D 36 -15.87 -21.67 21.31
C PHE D 36 -16.63 -22.23 22.52
N ILE D 37 -17.50 -23.18 22.24
CA ILE D 37 -18.35 -23.83 23.24
C ILE D 37 -17.95 -25.28 23.53
N VAL D 38 -18.22 -25.71 24.76
CA VAL D 38 -17.99 -27.09 25.18
C VAL D 38 -19.32 -27.69 25.59
N ARG D 39 -19.69 -28.79 24.92
CA ARG D 39 -20.93 -29.48 25.21
C ARG D 39 -20.55 -30.93 25.54
N ILE D 40 -21.01 -31.44 26.68
CA ILE D 40 -20.69 -32.80 27.10
C ILE D 40 -21.73 -33.74 26.53
N GLU D 41 -21.32 -34.63 25.64
CA GLU D 41 -22.29 -35.52 25.04
C GLU D 41 -22.36 -36.88 25.77
N ASP D 42 -23.07 -36.87 26.90
CA ASP D 42 -23.26 -38.04 27.75
C ASP D 42 -24.65 -38.69 27.62
N THR D 43 -25.06 -38.95 26.37
CA THR D 43 -26.36 -39.57 26.06
C THR D 43 -26.37 -41.10 26.05
N ASP D 44 -25.20 -41.73 26.22
CA ASP D 44 -25.16 -43.19 26.23
C ASP D 44 -24.88 -43.66 27.64
N ARG D 45 -25.96 -43.91 28.35
CA ARG D 45 -25.89 -44.34 29.73
C ARG D 45 -24.94 -45.51 29.94
N ALA D 46 -24.99 -46.45 29.01
CA ALA D 46 -24.16 -47.66 29.08
C ALA D 46 -22.67 -47.39 29.25
N ARG D 47 -22.10 -46.61 28.33
CA ARG D 47 -20.67 -46.33 28.37
C ARG D 47 -20.28 -45.10 29.19
N TYR D 48 -21.28 -44.37 29.70
CA TYR D 48 -21.05 -43.17 30.50
C TYR D 48 -20.12 -43.39 31.69
N VAL D 49 -19.06 -42.58 31.78
CA VAL D 49 -18.12 -42.68 32.88
C VAL D 49 -18.21 -41.37 33.66
N PRO D 50 -18.89 -41.39 34.83
CA PRO D 50 -18.98 -40.14 35.59
C PRO D 50 -17.61 -39.53 35.90
N GLY D 51 -17.51 -38.21 35.78
CA GLY D 51 -16.23 -37.56 36.05
C GLY D 51 -15.31 -37.44 34.83
N ALA D 52 -15.55 -38.24 33.80
CA ALA D 52 -14.71 -38.16 32.60
C ALA D 52 -14.81 -36.71 32.15
N GLU D 53 -15.91 -36.08 32.54
CA GLU D 53 -16.17 -34.70 32.21
C GLU D 53 -15.18 -33.76 32.91
N GLU D 54 -15.12 -33.84 34.23
CA GLU D 54 -14.18 -32.97 34.94
C GLU D 54 -12.76 -33.17 34.44
N ARG D 55 -12.41 -34.39 34.03
CA ARG D 55 -11.07 -34.67 33.54
C ARG D 55 -10.81 -34.06 32.17
N ILE D 56 -11.76 -34.15 31.26
CA ILE D 56 -11.53 -33.57 29.95
C ILE D 56 -11.49 -32.04 30.04
N LEU D 57 -12.32 -31.46 30.91
CA LEU D 57 -12.32 -30.00 31.04
C LEU D 57 -11.00 -29.54 31.63
N ALA D 58 -10.47 -30.32 32.58
CA ALA D 58 -9.19 -29.98 33.21
C ALA D 58 -8.06 -30.08 32.18
N ALA D 59 -8.14 -31.10 31.33
CA ALA D 59 -7.10 -31.29 30.33
C ALA D 59 -7.08 -30.14 29.30
N LEU D 60 -8.25 -29.73 28.82
CA LEU D 60 -8.34 -28.63 27.87
C LEU D 60 -7.70 -27.36 28.45
N LYS D 61 -7.95 -27.09 29.74
CA LYS D 61 -7.36 -25.91 30.35
C LYS D 61 -5.86 -26.14 30.56
N TRP D 62 -5.48 -27.36 30.92
CA TRP D 62 -4.06 -27.65 31.10
C TRP D 62 -3.34 -27.31 29.78
N LEU D 63 -3.99 -27.62 28.66
CA LEU D 63 -3.40 -27.33 27.37
C LEU D 63 -3.36 -25.85 27.02
N GLY D 64 -4.08 -25.02 27.78
CA GLY D 64 -4.03 -23.59 27.49
C GLY D 64 -5.19 -23.08 26.67
N LEU D 65 -6.14 -23.95 26.40
CA LEU D 65 -7.30 -23.52 25.65
C LEU D 65 -8.25 -22.98 26.69
N SER D 66 -9.16 -22.11 26.27
CA SER D 66 -10.15 -21.54 27.16
C SER D 66 -11.41 -21.56 26.30
N TYR D 67 -12.56 -21.76 26.91
CA TYR D 67 -13.78 -21.80 26.13
C TYR D 67 -14.68 -20.72 26.66
N ASP D 68 -15.67 -20.32 25.87
CA ASP D 68 -16.56 -19.24 26.28
C ASP D 68 -17.88 -19.66 26.90
N GLU D 69 -18.33 -20.87 26.60
CA GLU D 69 -19.57 -21.41 27.18
C GLU D 69 -19.29 -22.88 27.43
N GLY D 70 -19.90 -23.43 28.48
CA GLY D 70 -19.70 -24.83 28.79
C GLY D 70 -20.41 -25.23 30.07
N PRO D 71 -20.31 -26.50 30.48
CA PRO D 71 -20.93 -27.07 31.69
C PRO D 71 -20.56 -26.34 32.98
N ASP D 72 -19.28 -26.05 33.16
CA ASP D 72 -18.84 -25.37 34.36
C ASP D 72 -18.84 -23.83 34.31
N VAL D 73 -18.79 -23.22 33.14
CA VAL D 73 -18.79 -21.76 33.12
C VAL D 73 -20.17 -21.23 32.75
N GLY D 74 -21.11 -22.13 32.48
CA GLY D 74 -22.45 -21.72 32.09
C GLY D 74 -22.48 -21.07 30.71
N GLY D 75 -23.58 -20.42 30.40
CA GLY D 75 -23.70 -19.77 29.12
C GLY D 75 -25.17 -19.55 28.88
N PRO D 76 -25.53 -18.79 27.84
CA PRO D 76 -26.89 -18.44 27.44
C PRO D 76 -27.72 -19.56 26.81
N HIS D 77 -27.10 -20.65 26.40
CA HIS D 77 -27.88 -21.71 25.76
C HIS D 77 -27.70 -23.06 26.39
N GLY D 78 -27.56 -23.07 27.72
CA GLY D 78 -27.39 -24.31 28.42
C GLY D 78 -28.70 -25.04 28.47
N PRO D 79 -28.77 -26.23 29.10
CA PRO D 79 -27.67 -26.94 29.75
C PRO D 79 -26.64 -27.34 28.69
N TYR D 80 -25.40 -27.49 29.12
CA TYR D 80 -24.32 -27.90 28.22
C TYR D 80 -23.96 -29.40 28.40
N ARG D 81 -24.89 -30.15 28.97
CA ARG D 81 -24.74 -31.59 29.18
C ARG D 81 -25.96 -32.17 28.54
N GLN D 82 -25.77 -33.07 27.60
CA GLN D 82 -26.92 -33.64 26.91
C GLN D 82 -27.84 -34.46 27.82
N SER D 83 -27.34 -34.91 28.96
CA SER D 83 -28.19 -35.69 29.86
C SER D 83 -29.21 -34.77 30.55
N GLU D 84 -28.94 -33.47 30.53
CA GLU D 84 -29.83 -32.47 31.14
C GLU D 84 -30.86 -31.91 30.13
N ARG D 85 -30.90 -32.44 28.91
CA ARG D 85 -31.87 -31.93 27.95
C ARG D 85 -32.70 -32.98 27.22
N LEU D 86 -32.82 -34.15 27.83
CA LEU D 86 -33.63 -35.23 27.26
C LEU D 86 -35.01 -34.83 26.77
N PRO D 87 -35.74 -34.01 27.56
CA PRO D 87 -37.09 -33.60 27.15
C PRO D 87 -37.07 -32.86 25.81
N LEU D 88 -36.01 -32.08 25.61
CA LEU D 88 -35.85 -31.30 24.40
C LEU D 88 -35.79 -32.22 23.17
N TYR D 89 -34.95 -33.25 23.23
CA TYR D 89 -34.80 -34.19 22.12
C TYR D 89 -36.10 -34.94 21.82
N GLN D 90 -36.82 -35.30 22.88
CA GLN D 90 -38.07 -36.01 22.72
C GLN D 90 -39.05 -35.16 21.92
N LYS D 91 -39.06 -33.87 22.23
CA LYS D 91 -39.92 -32.91 21.54
C LYS D 91 -39.57 -32.81 20.04
N TYR D 92 -38.29 -32.62 19.72
CA TYR D 92 -37.92 -32.52 18.32
C TYR D 92 -38.12 -33.85 17.60
N ALA D 93 -37.98 -34.96 18.32
CA ALA D 93 -38.18 -36.26 17.70
C ALA D 93 -39.66 -36.34 17.29
N GLU D 94 -40.53 -36.00 18.25
CA GLU D 94 -41.97 -36.02 18.01
C GLU D 94 -42.31 -35.02 16.91
N GLU D 95 -41.52 -33.95 16.81
CA GLU D 95 -41.74 -32.93 15.78
C GLU D 95 -41.48 -33.52 14.38
N LEU D 96 -40.43 -34.34 14.28
CA LEU D 96 -40.09 -34.96 12.99
C LEU D 96 -41.21 -35.92 12.58
N LEU D 97 -41.81 -36.56 13.58
CA LEU D 97 -42.90 -37.51 13.40
C LEU D 97 -44.06 -36.80 12.71
N LYS D 98 -44.51 -35.73 13.34
CA LYS D 98 -45.60 -34.93 12.80
C LYS D 98 -45.28 -34.40 11.41
N ARG D 99 -44.00 -34.12 11.14
CA ARG D 99 -43.60 -33.59 9.84
C ARG D 99 -43.37 -34.69 8.83
N GLY D 100 -43.64 -35.93 9.24
CA GLY D 100 -43.47 -37.05 8.34
C GLY D 100 -42.03 -37.43 7.97
N TRP D 101 -41.06 -36.88 8.71
CA TRP D 101 -39.65 -37.18 8.46
C TRP D 101 -39.11 -38.32 9.33
N ALA D 102 -39.94 -38.88 10.19
CA ALA D 102 -39.52 -39.98 11.05
C ALA D 102 -40.70 -40.89 11.33
N TYR D 103 -40.46 -42.05 11.91
CA TYR D 103 -41.54 -42.97 12.22
C TYR D 103 -41.18 -43.86 13.39
N ARG D 104 -42.21 -44.37 14.07
CA ARG D 104 -41.99 -45.25 15.20
C ARG D 104 -41.79 -46.67 14.69
N ALA D 105 -40.84 -47.38 15.30
CA ALA D 105 -40.53 -48.76 14.91
C ALA D 105 -40.54 -49.55 16.20
N PHE D 106 -41.36 -50.60 16.26
CA PHE D 106 -41.47 -51.38 17.49
C PHE D 106 -40.69 -52.67 17.59
N GLU D 107 -39.89 -53.00 16.57
CA GLU D 107 -39.13 -54.23 16.61
C GLU D 107 -38.25 -54.33 17.84
N THR D 108 -38.09 -55.55 18.34
CA THR D 108 -37.25 -55.79 19.49
C THR D 108 -35.84 -55.99 18.96
N PRO D 109 -34.84 -55.84 19.83
CA PRO D 109 -33.44 -56.02 19.42
C PRO D 109 -33.20 -57.34 18.69
N GLU D 110 -33.79 -58.42 19.23
CA GLU D 110 -33.66 -59.75 18.65
C GLU D 110 -34.19 -59.81 17.22
N GLU D 111 -35.34 -59.18 17.01
CA GLU D 111 -35.95 -59.18 15.70
C GLU D 111 -35.09 -58.39 14.72
N LEU D 112 -34.52 -57.28 15.18
CA LEU D 112 -33.67 -56.45 14.33
C LEU D 112 -32.43 -57.22 13.92
N GLU D 113 -31.91 -58.06 14.83
CA GLU D 113 -30.73 -58.84 14.51
C GLU D 113 -31.09 -59.84 13.43
N GLN D 114 -32.32 -60.34 13.52
CA GLN D 114 -32.84 -61.29 12.55
C GLN D 114 -32.92 -60.68 11.16
N ILE D 115 -33.53 -59.50 11.06
CA ILE D 115 -33.65 -58.88 9.76
C ILE D 115 -32.29 -58.41 9.23
N ARG D 116 -31.37 -58.14 10.15
CA ARG D 116 -30.03 -57.72 9.76
C ARG D 116 -29.34 -58.93 9.13
N LYS D 117 -29.66 -60.12 9.63
CA LYS D 117 -29.07 -61.34 9.09
C LYS D 117 -29.67 -61.65 7.71
N GLU D 118 -30.99 -61.55 7.60
CA GLU D 118 -31.72 -61.83 6.37
C GLU D 118 -31.44 -60.84 5.24
N LYS D 119 -31.70 -59.56 5.51
CA LYS D 119 -31.47 -58.53 4.50
C LYS D 119 -30.27 -57.61 4.77
N GLY D 120 -29.55 -57.87 5.86
CA GLY D 120 -28.39 -57.05 6.19
C GLY D 120 -28.74 -55.58 6.39
N GLY D 121 -29.14 -55.23 7.62
CA GLY D 121 -29.52 -53.86 7.91
C GLY D 121 -31.03 -53.76 8.02
N TYR D 122 -31.55 -52.70 8.63
CA TYR D 122 -33.00 -52.58 8.75
C TYR D 122 -33.63 -52.30 7.39
N ASP D 123 -34.78 -52.90 7.14
CA ASP D 123 -35.47 -52.75 5.87
C ASP D 123 -36.56 -51.68 5.85
N GLY D 124 -36.73 -50.98 6.98
CA GLY D 124 -37.74 -49.93 7.03
C GLY D 124 -39.18 -50.44 7.04
N ARG D 125 -39.37 -51.69 7.44
CA ARG D 125 -40.71 -52.26 7.46
C ARG D 125 -41.72 -51.46 8.29
N ALA D 126 -41.28 -50.87 9.39
CA ALA D 126 -42.18 -50.11 10.25
C ALA D 126 -42.78 -48.89 9.54
N ARG D 127 -42.24 -48.55 8.38
CA ARG D 127 -42.77 -47.42 7.63
C ARG D 127 -44.23 -47.65 7.23
N ASN D 128 -44.59 -48.91 7.09
CA ASN D 128 -45.94 -49.24 6.67
C ASN D 128 -46.99 -49.37 7.77
N ILE D 129 -46.60 -49.12 9.01
CA ILE D 129 -47.57 -49.17 10.10
C ILE D 129 -48.35 -47.86 10.00
N PRO D 130 -49.70 -47.93 9.96
CA PRO D 130 -50.50 -46.70 9.86
C PRO D 130 -50.10 -45.70 10.94
N PRO D 131 -49.93 -44.43 10.57
CA PRO D 131 -49.55 -43.37 11.50
C PRO D 131 -50.39 -43.40 12.78
N GLU D 132 -51.71 -43.52 12.62
CA GLU D 132 -52.61 -43.57 13.78
C GLU D 132 -52.34 -44.77 14.67
N GLU D 133 -52.16 -45.93 14.04
CA GLU D 133 -51.88 -47.17 14.77
C GLU D 133 -50.62 -46.99 15.62
N ALA D 134 -49.58 -46.45 15.00
CA ALA D 134 -48.31 -46.21 15.67
C ALA D 134 -48.53 -45.39 16.93
N GLU D 135 -49.25 -44.28 16.78
CA GLU D 135 -49.52 -43.38 17.90
C GLU D 135 -50.27 -44.08 19.02
N GLU D 136 -51.23 -44.93 18.66
CA GLU D 136 -51.99 -45.64 19.68
C GLU D 136 -51.09 -46.62 20.43
N ARG D 137 -50.28 -47.35 19.67
CA ARG D 137 -49.38 -48.33 20.25
C ARG D 137 -48.40 -47.66 21.20
N ALA D 138 -48.04 -46.42 20.90
CA ALA D 138 -47.13 -45.65 21.74
C ALA D 138 -47.87 -45.21 23.01
N ARG D 139 -49.09 -44.71 22.83
CA ARG D 139 -49.92 -44.26 23.95
C ARG D 139 -50.12 -45.40 24.96
N ARG D 140 -50.39 -46.60 24.45
CA ARG D 140 -50.59 -47.77 25.29
C ARG D 140 -49.33 -48.07 26.08
N GLY D 141 -48.23 -47.45 25.68
CA GLY D 141 -46.97 -47.64 26.37
C GLY D 141 -46.06 -48.70 25.78
N GLU D 142 -46.35 -49.14 24.55
CA GLU D 142 -45.52 -50.16 23.92
C GLU D 142 -44.14 -49.60 23.60
N PRO D 143 -43.08 -50.34 23.97
CA PRO D 143 -41.68 -49.96 23.74
C PRO D 143 -41.39 -49.73 22.26
N HIS D 144 -40.68 -48.65 21.94
CA HIS D 144 -40.36 -48.37 20.55
C HIS D 144 -39.28 -47.30 20.39
N VAL D 145 -38.78 -47.16 19.17
CA VAL D 145 -37.77 -46.16 18.85
C VAL D 145 -38.30 -45.34 17.69
N ILE D 146 -37.73 -44.16 17.50
CA ILE D 146 -38.15 -43.32 16.39
C ILE D 146 -36.98 -43.27 15.39
N ARG D 147 -37.28 -43.58 14.13
CA ARG D 147 -36.25 -43.62 13.10
C ARG D 147 -36.37 -42.52 12.08
N LEU D 148 -35.22 -42.14 11.54
CA LEU D 148 -35.17 -41.12 10.51
C LEU D 148 -35.80 -41.76 9.29
N LYS D 149 -36.74 -41.05 8.67
CA LYS D 149 -37.40 -41.55 7.49
C LYS D 149 -36.71 -40.98 6.26
N VAL D 150 -35.64 -41.62 5.84
CA VAL D 150 -34.89 -41.17 4.69
C VAL D 150 -35.68 -41.21 3.39
N PRO D 151 -35.62 -40.14 2.58
CA PRO D 151 -36.34 -40.07 1.30
C PRO D 151 -35.71 -41.09 0.33
N ARG D 152 -36.49 -42.05 -0.14
CA ARG D 152 -35.95 -43.04 -1.09
C ARG D 152 -36.89 -43.17 -2.29
N PRO D 153 -36.35 -43.16 -3.52
CA PRO D 153 -34.93 -43.04 -3.87
C PRO D 153 -34.50 -41.58 -3.76
N GLY D 154 -33.22 -41.32 -4.03
CA GLY D 154 -32.75 -39.96 -3.97
C GLY D 154 -31.30 -39.86 -3.60
N THR D 155 -30.78 -38.63 -3.58
CA THR D 155 -29.39 -38.38 -3.22
C THR D 155 -29.30 -37.14 -2.35
N THR D 156 -28.21 -37.08 -1.58
CA THR D 156 -27.98 -36.00 -0.65
C THR D 156 -26.57 -35.43 -0.86
N GLU D 157 -26.50 -34.12 -1.06
CA GLU D 157 -25.23 -33.46 -1.26
C GLU D 157 -24.73 -32.94 0.07
N VAL D 158 -23.46 -33.17 0.33
CA VAL D 158 -22.84 -32.69 1.55
C VAL D 158 -21.67 -31.85 1.12
N LYS D 159 -21.54 -30.68 1.72
CA LYS D 159 -20.40 -29.85 1.37
C LYS D 159 -19.42 -29.73 2.53
N ASP D 160 -18.21 -30.19 2.27
CA ASP D 160 -17.15 -30.08 3.24
C ASP D 160 -16.28 -28.92 2.75
N GLU D 161 -15.97 -27.97 3.64
CA GLU D 161 -15.21 -26.81 3.24
C GLU D 161 -13.79 -27.12 2.78
N LEU D 162 -13.27 -28.27 3.17
CA LEU D 162 -11.93 -28.59 2.78
C LEU D 162 -11.85 -29.48 1.54
N ARG D 163 -12.89 -30.27 1.29
CA ARG D 163 -12.90 -31.19 0.15
C ARG D 163 -13.82 -30.85 -1.01
N GLY D 164 -14.82 -30.02 -0.76
CA GLY D 164 -15.73 -29.69 -1.82
C GLY D 164 -17.00 -30.49 -1.62
N VAL D 165 -17.86 -30.48 -2.63
CA VAL D 165 -19.13 -31.19 -2.56
C VAL D 165 -18.97 -32.70 -2.70
N VAL D 166 -19.76 -33.45 -1.93
CA VAL D 166 -19.74 -34.90 -1.93
C VAL D 166 -21.19 -35.35 -2.08
N VAL D 167 -21.48 -36.16 -3.09
CA VAL D 167 -22.85 -36.59 -3.27
C VAL D 167 -23.02 -38.02 -2.83
N TYR D 168 -23.99 -38.23 -1.95
CA TYR D 168 -24.27 -39.55 -1.41
C TYR D 168 -25.57 -40.11 -1.96
N ASP D 169 -25.62 -41.43 -2.10
CA ASP D 169 -26.82 -42.08 -2.58
C ASP D 169 -27.61 -42.35 -1.34
N ASN D 170 -28.90 -42.03 -1.35
CA ASN D 170 -29.71 -42.25 -0.16
C ASN D 170 -29.74 -43.72 0.20
N GLN D 171 -29.38 -44.56 -0.76
CA GLN D 171 -29.35 -46.00 -0.54
C GLN D 171 -28.30 -46.32 0.53
N GLU D 172 -27.25 -45.50 0.60
CA GLU D 172 -26.20 -45.72 1.59
C GLU D 172 -26.50 -45.03 2.92
N ILE D 173 -27.59 -44.28 2.97
CA ILE D 173 -27.97 -43.57 4.18
C ILE D 173 -29.11 -44.31 4.86
N PRO D 174 -28.80 -45.01 5.96
CA PRO D 174 -29.81 -45.76 6.70
C PRO D 174 -30.81 -44.94 7.48
N ASP D 175 -31.95 -45.55 7.77
CA ASP D 175 -33.00 -44.90 8.56
C ASP D 175 -32.53 -45.05 9.99
N VAL D 176 -31.54 -44.26 10.38
CA VAL D 176 -30.97 -44.39 11.72
C VAL D 176 -31.95 -44.13 12.87
N VAL D 177 -31.67 -44.76 14.01
CA VAL D 177 -32.46 -44.55 15.21
C VAL D 177 -32.10 -43.14 15.69
N LEU D 178 -33.10 -42.31 15.95
CA LEU D 178 -32.91 -40.95 16.42
C LEU D 178 -33.20 -40.91 17.91
N LEU D 179 -34.33 -41.50 18.29
CA LEU D 179 -34.71 -41.56 19.68
C LEU D 179 -34.76 -43.04 20.05
N LYS D 180 -34.04 -43.42 21.10
CA LYS D 180 -34.01 -44.81 21.55
C LYS D 180 -35.19 -45.16 22.46
N SER D 181 -35.47 -46.45 22.62
CA SER D 181 -36.57 -46.90 23.45
C SER D 181 -36.49 -46.46 24.91
N ASP D 182 -35.31 -46.09 25.40
CA ASP D 182 -35.19 -45.65 26.80
C ASP D 182 -35.44 -44.14 26.93
N GLY D 183 -35.86 -43.52 25.84
CA GLY D 183 -36.11 -42.08 25.87
C GLY D 183 -34.91 -41.24 25.48
N TYR D 184 -33.72 -41.84 25.51
CA TYR D 184 -32.50 -41.12 25.14
C TYR D 184 -32.32 -41.04 23.64
N PRO D 185 -31.76 -39.92 23.15
CA PRO D 185 -31.58 -39.81 21.70
C PRO D 185 -30.25 -40.39 21.26
N THR D 186 -30.09 -40.60 19.97
CA THR D 186 -28.81 -41.08 19.48
C THR D 186 -28.04 -39.80 19.15
N TYR D 187 -26.76 -39.99 18.89
CA TYR D 187 -25.85 -38.92 18.55
C TYR D 187 -26.35 -38.06 17.37
N HIS D 188 -26.94 -38.68 16.36
CA HIS D 188 -27.42 -37.94 15.20
C HIS D 188 -28.50 -36.90 15.50
N LEU D 189 -29.45 -37.26 16.35
CA LEU D 189 -30.52 -36.33 16.70
C LEU D 189 -29.99 -35.19 17.58
N ALA D 190 -29.33 -35.56 18.68
CA ALA D 190 -28.80 -34.58 19.63
C ALA D 190 -27.83 -33.58 19.00
N ASN D 191 -26.92 -34.07 18.18
CA ASN D 191 -25.92 -33.24 17.51
C ASN D 191 -26.58 -32.10 16.73
N VAL D 192 -27.52 -32.45 15.86
CA VAL D 192 -28.20 -31.44 15.08
C VAL D 192 -29.08 -30.47 15.92
N VAL D 193 -29.82 -31.02 16.89
CA VAL D 193 -30.67 -30.19 17.76
C VAL D 193 -29.82 -29.19 18.56
N ASP D 194 -28.80 -29.69 19.26
CA ASP D 194 -27.93 -28.82 20.04
C ASP D 194 -27.06 -27.85 19.19
N ASP D 195 -26.57 -28.27 18.03
CA ASP D 195 -25.78 -27.32 17.23
C ASP D 195 -26.70 -26.18 16.79
N HIS D 196 -27.91 -26.50 16.40
CA HIS D 196 -28.84 -25.44 16.02
C HIS D 196 -29.21 -24.55 17.22
N LEU D 197 -29.71 -25.13 18.29
CA LEU D 197 -30.07 -24.34 19.46
C LEU D 197 -28.92 -23.53 20.07
N MET D 198 -27.68 -24.05 20.04
CA MET D 198 -26.57 -23.30 20.61
C MET D 198 -25.97 -22.33 19.61
N GLY D 199 -26.57 -22.28 18.42
CA GLY D 199 -26.08 -21.36 17.39
C GLY D 199 -24.77 -21.72 16.70
N VAL D 200 -24.43 -23.00 16.64
CA VAL D 200 -23.18 -23.43 15.99
C VAL D 200 -23.19 -23.09 14.50
N THR D 201 -22.18 -22.40 14.02
CA THR D 201 -22.13 -22.04 12.60
C THR D 201 -21.01 -22.80 11.89
N ASP D 202 -20.03 -23.31 12.64
CA ASP D 202 -18.89 -24.01 12.04
C ASP D 202 -18.60 -25.30 12.80
N VAL D 203 -18.93 -26.42 12.17
CA VAL D 203 -18.71 -27.72 12.76
C VAL D 203 -17.34 -28.23 12.29
N ILE D 204 -16.37 -28.25 13.21
CA ILE D 204 -15.03 -28.72 12.92
C ILE D 204 -14.87 -30.01 13.71
N ARG D 205 -14.78 -31.12 13.00
CA ARG D 205 -14.65 -32.42 13.67
C ARG D 205 -13.81 -33.41 12.86
N ALA D 206 -13.44 -34.51 13.50
CA ALA D 206 -12.63 -35.54 12.87
C ALA D 206 -13.34 -36.22 11.67
N GLU D 207 -12.54 -36.56 10.67
CA GLU D 207 -12.99 -37.20 9.42
C GLU D 207 -13.86 -38.44 9.64
N GLU D 208 -13.75 -39.07 10.80
CA GLU D 208 -14.58 -40.23 11.04
C GLU D 208 -16.08 -39.92 11.03
N TRP D 209 -16.45 -38.63 11.10
CA TRP D 209 -17.88 -38.26 11.10
C TRP D 209 -18.38 -37.83 9.72
N LEU D 210 -17.47 -37.81 8.74
CA LEU D 210 -17.85 -37.35 7.42
C LEU D 210 -19.02 -38.15 6.87
N VAL D 211 -18.95 -39.46 7.04
CA VAL D 211 -19.98 -40.35 6.54
C VAL D 211 -21.32 -40.12 7.20
N SER D 212 -21.32 -39.54 8.41
CA SER D 212 -22.59 -39.26 9.09
C SER D 212 -23.20 -37.94 8.66
N THR D 213 -22.39 -37.05 8.08
CA THR D 213 -22.87 -35.72 7.69
C THR D 213 -24.16 -35.73 6.83
N PRO D 214 -24.28 -36.64 5.85
CA PRO D 214 -25.48 -36.71 4.99
C PRO D 214 -26.71 -36.91 5.89
N ILE D 215 -26.56 -37.69 6.94
CA ILE D 215 -27.67 -37.89 7.86
C ILE D 215 -28.02 -36.55 8.51
N HIS D 216 -27.01 -35.80 8.94
CA HIS D 216 -27.25 -34.52 9.59
C HIS D 216 -27.83 -33.47 8.64
N VAL D 217 -27.35 -33.46 7.40
CA VAL D 217 -27.87 -32.55 6.40
C VAL D 217 -29.36 -32.80 6.23
N LEU D 218 -29.73 -34.08 6.25
CA LEU D 218 -31.12 -34.49 6.11
C LEU D 218 -31.95 -33.99 7.29
N LEU D 219 -31.40 -34.09 8.50
CA LEU D 219 -32.12 -33.60 9.67
C LEU D 219 -32.27 -32.07 9.62
N TYR D 220 -31.23 -31.35 9.17
CA TYR D 220 -31.35 -29.91 9.08
C TYR D 220 -32.49 -29.57 8.11
N ARG D 221 -32.59 -30.35 7.02
CA ARG D 221 -33.64 -30.13 6.05
C ARG D 221 -35.00 -30.47 6.66
N ALA D 222 -35.10 -31.60 7.35
CA ALA D 222 -36.35 -32.01 7.97
C ALA D 222 -36.91 -30.93 8.92
N PHE D 223 -36.04 -30.33 9.74
CA PHE D 223 -36.47 -29.31 10.70
C PHE D 223 -36.65 -27.94 10.06
N GLY D 224 -36.14 -27.76 8.85
CA GLY D 224 -36.27 -26.48 8.20
C GLY D 224 -35.20 -25.52 8.65
N TRP D 225 -34.07 -26.06 9.12
CA TRP D 225 -32.98 -25.23 9.59
C TRP D 225 -31.83 -25.14 8.60
N GLU D 226 -31.08 -24.04 8.73
CA GLU D 226 -29.91 -23.75 7.91
C GLU D 226 -28.74 -24.56 8.47
N ALA D 227 -28.11 -25.33 7.60
CA ALA D 227 -26.99 -26.17 8.00
C ALA D 227 -25.72 -25.35 8.15
N PRO D 228 -24.90 -25.69 9.13
CA PRO D 228 -23.63 -25.00 9.38
C PRO D 228 -22.57 -25.41 8.37
N ARG D 229 -21.42 -24.74 8.42
CA ARG D 229 -20.33 -25.12 7.55
C ARG D 229 -19.71 -26.37 8.22
N PHE D 230 -19.21 -27.30 7.40
CA PHE D 230 -18.57 -28.50 7.91
C PHE D 230 -17.10 -28.56 7.50
N TYR D 231 -16.22 -28.82 8.46
CA TYR D 231 -14.79 -28.95 8.20
C TYR D 231 -14.35 -30.26 8.83
N HIS D 232 -13.98 -31.24 8.01
CA HIS D 232 -13.57 -32.49 8.62
C HIS D 232 -12.04 -32.63 8.64
N MET D 233 -11.53 -32.75 9.86
CA MET D 233 -10.09 -32.84 10.12
C MET D 233 -9.59 -34.27 9.96
N PRO D 234 -8.33 -34.46 9.56
CA PRO D 234 -7.66 -35.77 9.36
C PRO D 234 -7.55 -36.44 10.72
N LEU D 235 -7.54 -37.77 10.71
CA LEU D 235 -7.42 -38.53 11.94
C LEU D 235 -5.94 -38.75 12.27
N LEU D 236 -5.56 -38.49 13.52
CA LEU D 236 -4.20 -38.70 13.96
C LEU D 236 -4.01 -40.21 13.84
N ARG D 237 -2.81 -40.67 13.53
CA ARG D 237 -2.63 -42.11 13.39
C ARG D 237 -1.50 -42.69 14.25
N ASN D 238 -1.59 -43.98 14.53
CA ASN D 238 -0.56 -44.70 15.28
C ASN D 238 0.56 -44.80 14.23
N PRO D 239 1.76 -45.24 14.62
CA PRO D 239 2.73 -45.28 13.53
C PRO D 239 2.38 -46.32 12.43
N ASP D 240 1.59 -47.34 12.74
CA ASP D 240 1.21 -48.31 11.69
C ASP D 240 0.12 -47.75 10.78
N LYS D 241 -0.25 -46.49 11.01
CA LYS D 241 -1.25 -45.76 10.22
C LYS D 241 -2.74 -45.93 10.55
N THR D 242 -3.10 -46.80 11.50
CA THR D 242 -4.50 -46.93 11.89
C THR D 242 -4.84 -45.72 12.78
N LYS D 243 -6.12 -45.42 13.00
CA LYS D 243 -6.45 -44.26 13.82
C LYS D 243 -5.83 -44.50 15.20
N ILE D 244 -5.16 -43.47 15.70
CA ILE D 244 -4.44 -43.55 16.95
C ILE D 244 -5.26 -44.27 18.02
N SER D 245 -4.63 -45.23 18.70
CA SER D 245 -5.31 -46.03 19.73
C SER D 245 -4.45 -46.31 20.94
N LYS D 246 -5.13 -46.54 22.06
CA LYS D 246 -4.47 -46.75 23.35
C LYS D 246 -3.49 -47.89 23.42
N ARG D 247 -3.65 -48.88 22.56
CA ARG D 247 -2.75 -50.03 22.58
C ARG D 247 -1.46 -49.81 21.81
N LYS D 248 -1.54 -49.07 20.70
CA LYS D 248 -0.38 -48.85 19.84
C LYS D 248 0.32 -47.47 19.97
N SER D 249 -0.22 -46.61 20.82
CA SER D 249 0.37 -45.28 21.02
C SER D 249 -0.17 -44.78 22.33
N HIS D 250 0.33 -43.63 22.78
CA HIS D 250 -0.18 -43.04 24.00
C HIS D 250 -1.21 -42.03 23.55
N THR D 251 -2.44 -42.22 24.00
CA THR D 251 -3.51 -41.32 23.61
C THR D 251 -4.00 -40.52 24.81
N SER D 252 -3.64 -40.95 26.02
CA SER D 252 -4.06 -40.25 27.22
C SER D 252 -3.23 -39.01 27.46
N LEU D 253 -3.88 -37.87 27.56
CA LEU D 253 -3.17 -36.62 27.83
C LEU D 253 -2.48 -36.70 29.19
N ASP D 254 -3.07 -37.46 30.12
CA ASP D 254 -2.48 -37.61 31.45
C ASP D 254 -1.12 -38.32 31.40
N TRP D 255 -0.92 -39.15 30.39
CA TRP D 255 0.35 -39.82 30.24
C TRP D 255 1.42 -38.80 29.77
N TYR D 256 1.01 -37.87 28.91
CA TYR D 256 1.94 -36.86 28.41
C TYR D 256 2.30 -35.96 29.55
N LYS D 257 1.32 -35.63 30.37
CA LYS D 257 1.62 -34.76 31.50
C LYS D 257 2.52 -35.50 32.51
N ALA D 258 2.20 -36.75 32.81
CA ALA D 258 2.98 -37.52 33.78
C ALA D 258 4.40 -37.80 33.28
N GLU D 259 4.58 -37.72 31.97
CA GLU D 259 5.89 -37.99 31.38
C GLU D 259 6.80 -36.78 31.32
N GLY D 260 6.28 -35.62 31.69
CA GLY D 260 7.13 -34.46 31.67
C GLY D 260 7.10 -33.67 30.37
N PHE D 261 6.01 -33.81 29.62
CA PHE D 261 5.87 -33.03 28.40
C PHE D 261 5.21 -31.72 28.80
N LEU D 262 5.68 -30.63 28.24
CA LEU D 262 5.11 -29.34 28.54
C LEU D 262 3.82 -29.19 27.74
N PRO D 263 2.74 -28.65 28.36
CA PRO D 263 1.53 -28.53 27.57
C PRO D 263 1.69 -27.58 26.35
N GLU D 264 2.56 -26.60 26.46
CA GLU D 264 2.77 -25.64 25.37
C GLU D 264 3.46 -26.32 24.19
N ALA D 265 4.36 -27.25 24.47
CA ALA D 265 5.01 -27.99 23.40
C ALA D 265 4.03 -28.97 22.73
N LEU D 266 3.26 -29.69 23.55
CA LEU D 266 2.29 -30.68 23.06
C LEU D 266 1.29 -30.00 22.13
N ARG D 267 0.86 -28.81 22.54
CA ARG D 267 -0.10 -28.00 21.82
C ARG D 267 0.53 -27.50 20.53
N ASN D 268 1.76 -27.04 20.61
CA ASN D 268 2.46 -26.58 19.44
C ASN D 268 2.61 -27.79 18.47
N TYR D 269 2.87 -28.98 18.99
CA TYR D 269 3.04 -30.15 18.13
C TYR D 269 1.73 -30.49 17.42
N LEU D 270 0.64 -30.49 18.19
CA LEU D 270 -0.68 -30.75 17.63
C LEU D 270 -0.99 -29.79 16.48
N CYS D 271 -0.56 -28.52 16.60
CA CYS D 271 -0.79 -27.52 15.57
C CYS D 271 -0.14 -27.96 14.25
N LEU D 272 1.02 -28.61 14.33
CA LEU D 272 1.73 -29.06 13.14
C LEU D 272 1.13 -30.33 12.51
N MET D 273 0.08 -30.87 13.11
CA MET D 273 -0.62 -32.04 12.56
C MET D 273 -1.71 -31.46 11.64
N GLY D 274 -1.38 -31.22 10.38
CA GLY D 274 -2.39 -30.68 9.49
C GLY D 274 -2.27 -29.19 9.19
N PHE D 275 -1.42 -28.48 9.93
CA PHE D 275 -1.24 -27.06 9.63
C PHE D 275 0.24 -26.71 9.65
N SER D 276 0.59 -25.67 8.89
CA SER D 276 1.96 -25.19 8.82
C SER D 276 1.90 -23.67 8.63
N MET D 277 2.91 -23.00 9.17
CA MET D 277 3.04 -21.55 9.08
C MET D 277 3.52 -21.17 7.69
N PRO D 278 3.11 -19.98 7.20
CA PRO D 278 3.56 -19.57 5.86
C PRO D 278 5.09 -19.59 5.74
N ASP D 279 5.81 -18.98 6.69
CA ASP D 279 7.26 -18.98 6.62
C ASP D 279 7.92 -20.28 7.09
N GLY D 280 7.12 -21.30 7.38
CA GLY D 280 7.68 -22.57 7.79
C GLY D 280 8.24 -22.71 9.21
N ARG D 281 8.08 -21.69 10.04
CA ARG D 281 8.60 -21.80 11.40
C ARG D 281 7.81 -22.87 12.14
N GLU D 282 8.49 -23.63 13.00
CA GLU D 282 7.84 -24.71 13.75
C GLU D 282 7.51 -24.40 15.19
N ILE D 283 8.25 -23.48 15.80
CA ILE D 283 7.99 -23.15 17.19
C ILE D 283 7.24 -21.84 17.24
N PHE D 284 6.02 -21.87 17.76
CA PHE D 284 5.23 -20.65 17.88
C PHE D 284 4.21 -20.81 18.99
N THR D 285 3.72 -19.65 19.44
CA THR D 285 2.72 -19.62 20.53
C THR D 285 1.30 -19.90 20.02
N LEU D 286 0.42 -20.21 20.95
CA LEU D 286 -0.97 -20.42 20.62
C LEU D 286 -1.52 -19.14 19.95
N GLU D 287 -1.11 -17.97 20.46
CA GLU D 287 -1.59 -16.69 19.89
C GLU D 287 -1.13 -16.53 18.46
N GLU D 288 0.11 -16.91 18.18
CA GLU D 288 0.59 -16.80 16.81
C GLU D 288 -0.19 -17.76 15.92
N PHE D 289 -0.56 -18.92 16.48
CA PHE D 289 -1.30 -19.94 15.73
C PHE D 289 -2.66 -19.37 15.33
N ILE D 290 -3.40 -18.83 16.29
CA ILE D 290 -4.68 -18.32 15.88
C ILE D 290 -4.60 -17.13 14.93
N GLN D 291 -3.59 -16.29 15.07
CA GLN D 291 -3.47 -15.13 14.19
C GLN D 291 -3.18 -15.52 12.76
N ALA D 292 -2.38 -16.56 12.57
CA ALA D 292 -2.02 -17.01 11.23
C ALA D 292 -2.90 -18.15 10.72
N PHE D 293 -3.84 -18.61 11.52
CA PHE D 293 -4.66 -19.72 11.06
C PHE D 293 -5.52 -19.41 9.82
N THR D 294 -5.55 -20.37 8.90
CA THR D 294 -6.34 -20.28 7.67
C THR D 294 -6.54 -21.70 7.15
N TRP D 295 -7.74 -21.98 6.63
CA TRP D 295 -8.00 -23.31 6.10
C TRP D 295 -7.18 -23.61 4.86
N GLU D 296 -6.60 -22.58 4.26
CA GLU D 296 -5.79 -22.81 3.07
C GLU D 296 -4.49 -23.51 3.43
N ARG D 297 -4.08 -23.39 4.70
CA ARG D 297 -2.83 -24.04 5.14
C ARG D 297 -3.08 -25.38 5.85
N VAL D 298 -4.26 -25.95 5.73
CA VAL D 298 -4.54 -27.23 6.38
C VAL D 298 -4.38 -28.37 5.40
N SER D 299 -3.63 -29.41 5.77
CA SER D 299 -3.43 -30.55 4.87
C SER D 299 -4.32 -31.71 5.32
N LEU D 300 -4.78 -32.48 4.35
CA LEU D 300 -5.70 -33.56 4.63
C LEU D 300 -5.15 -34.97 4.77
N GLY D 301 -3.85 -35.17 4.65
CA GLY D 301 -3.34 -36.52 4.85
C GLY D 301 -3.39 -36.86 6.33
N GLY D 302 -3.68 -38.12 6.66
CA GLY D 302 -3.74 -38.53 8.07
C GLY D 302 -2.34 -38.60 8.68
N PRO D 303 -1.98 -37.67 9.57
CA PRO D 303 -0.64 -37.69 10.16
C PRO D 303 -0.32 -38.67 11.31
N VAL D 304 0.84 -39.29 11.21
CA VAL D 304 1.29 -40.17 12.26
C VAL D 304 1.79 -39.28 13.41
N PHE D 305 1.33 -39.55 14.63
CA PHE D 305 1.78 -38.78 15.79
C PHE D 305 3.15 -39.36 16.06
N ASP D 306 4.17 -38.50 16.00
CA ASP D 306 5.55 -38.93 16.21
C ASP D 306 6.17 -38.51 17.56
N LEU D 307 6.17 -39.46 18.49
CA LEU D 307 6.72 -39.26 19.83
C LEU D 307 8.10 -38.64 19.79
N GLU D 308 8.89 -39.05 18.80
CA GLU D 308 10.26 -38.53 18.66
C GLU D 308 10.30 -37.05 18.27
N LYS D 309 9.41 -36.60 17.42
CA LYS D 309 9.44 -35.18 17.07
C LYS D 309 8.85 -34.39 18.27
N LEU D 310 7.85 -34.97 18.95
CA LEU D 310 7.27 -34.30 20.11
C LEU D 310 8.38 -34.09 21.15
N ARG D 311 9.17 -35.14 21.40
CA ARG D 311 10.28 -35.01 22.37
C ARG D 311 11.27 -33.95 21.95
N TRP D 312 11.59 -33.87 20.65
CA TRP D 312 12.52 -32.86 20.21
C TRP D 312 11.90 -31.49 20.45
N MET D 313 10.62 -31.37 20.17
CA MET D 313 9.96 -30.10 20.37
C MET D 313 9.90 -29.71 21.87
N ASN D 314 9.72 -30.70 22.72
CA ASN D 314 9.61 -30.44 24.13
C ASN D 314 10.97 -29.91 24.60
N GLY D 315 12.04 -30.51 24.08
CA GLY D 315 13.39 -30.08 24.42
C GLY D 315 13.63 -28.66 23.90
N LYS D 316 13.09 -28.35 22.73
CA LYS D 316 13.27 -27.01 22.17
C LYS D 316 12.61 -25.94 23.08
N TYR D 317 11.43 -26.22 23.60
CA TYR D 317 10.75 -25.28 24.51
C TYR D 317 11.54 -25.10 25.79
N ILE D 318 12.07 -26.20 26.32
CA ILE D 318 12.85 -26.16 27.54
C ILE D 318 14.09 -25.30 27.37
N ARG D 319 14.74 -25.40 26.21
CA ARG D 319 15.95 -24.64 26.00
C ARG D 319 15.73 -23.23 25.47
N GLU D 320 14.67 -23.03 24.70
CA GLU D 320 14.49 -21.74 24.04
C GLU D 320 13.25 -20.94 24.28
N VAL D 321 12.18 -21.53 24.76
CA VAL D 321 10.98 -20.74 24.96
C VAL D 321 10.76 -20.35 26.40
N LEU D 322 10.84 -21.33 27.30
CA LEU D 322 10.65 -21.06 28.71
C LEU D 322 11.88 -20.38 29.26
N SER D 323 11.72 -19.65 30.35
CA SER D 323 12.87 -19.00 30.97
C SER D 323 13.48 -20.09 31.90
N LEU D 324 14.73 -19.85 32.27
CA LEU D 324 15.45 -20.72 33.17
C LEU D 324 14.59 -20.91 34.44
N GLU D 325 14.03 -19.80 34.92
CA GLU D 325 13.18 -19.86 36.14
C GLU D 325 11.93 -20.72 35.98
N GLU D 326 11.29 -20.66 34.81
CA GLU D 326 10.09 -21.46 34.60
C GLU D 326 10.43 -22.94 34.54
N VAL D 327 11.54 -23.27 33.89
CA VAL D 327 11.95 -24.67 33.83
C VAL D 327 12.25 -25.17 35.26
N ALA D 328 12.96 -24.39 36.06
CA ALA D 328 13.28 -24.80 37.42
C ALA D 328 12.00 -25.07 38.19
N GLU D 329 10.96 -24.26 37.99
CA GLU D 329 9.70 -24.49 38.68
C GLU D 329 9.03 -25.76 38.21
N ARG D 330 9.05 -25.99 36.90
CA ARG D 330 8.38 -27.15 36.38
C ARG D 330 9.04 -28.49 36.69
N VAL D 331 10.34 -28.50 37.00
CA VAL D 331 10.95 -29.78 37.31
C VAL D 331 10.67 -30.18 38.77
N LYS D 332 10.28 -29.24 39.63
CA LYS D 332 10.06 -29.58 41.05
C LYS D 332 9.20 -30.79 41.32
N PRO D 333 8.03 -30.89 40.68
CA PRO D 333 7.26 -32.09 41.00
C PRO D 333 7.90 -33.41 40.53
N PHE D 334 8.78 -33.35 39.53
CA PHE D 334 9.43 -34.57 39.05
C PHE D 334 10.56 -34.91 40.01
N LEU D 335 11.19 -33.90 40.59
CA LEU D 335 12.26 -34.15 41.56
C LEU D 335 11.56 -34.74 42.80
N ARG D 336 10.39 -34.21 43.16
CA ARG D 336 9.66 -34.71 44.33
C ARG D 336 9.23 -36.15 44.16
N GLU D 337 8.73 -36.46 42.96
CA GLU D 337 8.29 -37.81 42.65
C GLU D 337 9.46 -38.80 42.71
N ALA D 338 10.66 -38.36 42.34
CA ALA D 338 11.83 -39.24 42.37
C ALA D 338 12.46 -39.33 43.77
N GLY D 339 11.86 -38.67 44.75
CA GLY D 339 12.37 -38.68 46.10
C GLY D 339 13.61 -37.83 46.31
N LEU D 340 13.81 -36.83 45.46
CA LEU D 340 14.98 -35.97 45.55
C LEU D 340 14.64 -34.56 46.03
N SER D 341 15.51 -34.00 46.85
CA SER D 341 15.32 -32.66 47.36
C SER D 341 16.46 -31.78 46.83
N TRP D 342 16.29 -30.47 46.97
CA TRP D 342 17.31 -29.54 46.50
C TRP D 342 17.59 -28.61 47.68
N GLU D 343 18.84 -28.19 47.83
CA GLU D 343 19.23 -27.38 48.97
C GLU D 343 18.69 -25.95 49.04
N SER D 344 18.46 -25.35 47.88
CA SER D 344 17.96 -23.97 47.81
C SER D 344 17.47 -23.69 46.41
N GLU D 345 16.82 -22.54 46.23
CA GLU D 345 16.33 -22.15 44.93
C GLU D 345 17.50 -21.85 44.03
N ALA D 346 18.52 -21.21 44.58
CA ALA D 346 19.69 -20.87 43.76
C ALA D 346 20.40 -22.12 43.27
N TYR D 347 20.49 -23.14 44.11
CA TYR D 347 21.18 -24.37 43.73
C TYR D 347 20.44 -25.03 42.57
N LEU D 348 19.13 -25.20 42.76
CA LEU D 348 18.27 -25.81 41.77
C LEU D 348 18.35 -25.08 40.42
N ARG D 349 18.34 -23.74 40.47
CA ARG D 349 18.36 -22.96 39.27
C ARG D 349 19.65 -23.23 38.52
N ARG D 350 20.76 -23.26 39.23
CA ARG D 350 22.04 -23.52 38.63
C ARG D 350 22.12 -24.95 38.07
N ALA D 351 21.56 -25.90 38.78
CA ALA D 351 21.59 -27.29 38.35
C ALA D 351 20.79 -27.40 37.05
N VAL D 352 19.66 -26.71 37.03
CA VAL D 352 18.79 -26.75 35.86
C VAL D 352 19.48 -26.09 34.67
N GLU D 353 20.22 -25.02 34.94
CA GLU D 353 20.93 -24.32 33.91
C GLU D 353 22.03 -25.20 33.25
N LEU D 354 22.81 -25.89 34.06
CA LEU D 354 23.87 -26.74 33.54
C LEU D 354 23.28 -27.88 32.73
N MET D 355 22.08 -28.27 33.09
CA MET D 355 21.44 -29.39 32.46
C MET D 355 20.47 -29.08 31.34
N ARG D 356 20.08 -27.82 31.18
CA ARG D 356 19.07 -27.47 30.17
C ARG D 356 19.22 -28.06 28.77
N PRO D 357 20.42 -28.01 28.19
CA PRO D 357 20.52 -28.59 26.86
C PRO D 357 20.62 -30.11 26.86
N ARG D 358 20.45 -30.73 28.03
CA ARG D 358 20.60 -32.19 28.16
C ARG D 358 19.37 -33.04 28.51
N PHE D 359 18.18 -32.44 28.55
CA PHE D 359 16.97 -33.25 28.80
C PHE D 359 15.85 -32.71 27.94
N ASP D 360 15.10 -33.64 27.35
CA ASP D 360 13.98 -33.31 26.47
C ASP D 360 12.62 -33.35 27.17
N THR D 361 12.56 -34.02 28.32
CA THR D 361 11.31 -34.04 29.08
C THR D 361 11.66 -33.74 30.54
N LEU D 362 10.67 -33.27 31.28
CA LEU D 362 10.89 -32.91 32.68
C LEU D 362 11.29 -34.13 33.51
N LYS D 363 10.77 -35.29 33.16
CA LYS D 363 11.05 -36.52 33.89
C LYS D 363 12.51 -36.93 33.74
N GLU D 364 13.11 -36.57 32.61
CA GLU D 364 14.52 -36.87 32.36
C GLU D 364 15.49 -36.12 33.28
N PHE D 365 15.10 -34.92 33.71
CA PHE D 365 15.98 -34.11 34.56
C PHE D 365 16.52 -34.82 35.80
N PRO D 366 15.63 -35.32 36.69
CA PRO D 366 16.03 -36.03 37.92
C PRO D 366 16.84 -37.30 37.59
N GLU D 367 16.55 -37.93 36.46
CA GLU D 367 17.24 -39.14 36.05
C GLU D 367 18.68 -38.83 35.64
N LYS D 368 18.84 -37.94 34.66
CA LYS D 368 20.18 -37.60 34.19
C LYS D 368 21.02 -36.73 35.13
N ALA D 369 20.37 -36.02 36.05
CA ALA D 369 21.13 -35.15 36.95
C ALA D 369 21.04 -35.66 38.40
N ARG D 370 20.70 -36.93 38.55
CA ARG D 370 20.52 -37.50 39.88
C ARG D 370 21.69 -37.22 40.83
N TYR D 371 22.91 -37.31 40.31
CA TYR D 371 24.11 -37.09 41.10
C TYR D 371 24.26 -35.68 41.67
N LEU D 372 23.52 -34.71 41.14
CA LEU D 372 23.59 -33.35 41.68
C LEU D 372 22.69 -33.18 42.91
N PHE D 373 21.79 -34.13 43.16
CA PHE D 373 20.85 -34.00 44.28
C PHE D 373 20.95 -35.05 45.39
N THR D 374 21.73 -36.09 45.14
CA THR D 374 21.84 -37.14 46.15
C THR D 374 23.15 -37.89 45.99
N GLU D 375 23.55 -38.57 47.05
CA GLU D 375 24.76 -39.36 47.02
C GLU D 375 24.39 -40.75 46.46
N ASP D 376 23.09 -41.02 46.33
CA ASP D 376 22.58 -42.30 45.82
C ASP D 376 22.42 -42.31 44.29
N TYR D 377 23.53 -42.28 43.58
CA TYR D 377 23.48 -42.25 42.12
C TYR D 377 24.23 -43.44 41.54
N PRO D 378 23.85 -43.87 40.33
CA PRO D 378 24.49 -45.00 39.69
C PRO D 378 25.85 -44.66 39.08
N VAL D 379 26.74 -45.65 39.05
CA VAL D 379 28.07 -45.46 38.47
C VAL D 379 28.14 -46.42 37.28
N SER D 380 28.24 -45.87 36.07
CA SER D 380 28.31 -46.71 34.88
C SER D 380 29.61 -47.50 34.83
N GLU D 381 29.62 -48.57 34.04
CA GLU D 381 30.82 -49.37 33.90
C GLU D 381 31.90 -48.51 33.28
N LYS D 382 31.53 -47.80 32.22
CA LYS D 382 32.47 -46.92 31.53
C LYS D 382 33.11 -45.90 32.46
N ALA D 383 32.32 -45.31 33.35
CA ALA D 383 32.87 -44.31 34.26
C ALA D 383 33.77 -45.01 35.27
N GLN D 384 33.32 -46.17 35.77
CA GLN D 384 34.10 -46.96 36.72
C GLN D 384 35.49 -47.30 36.15
N ARG D 385 35.57 -47.67 34.88
CA ARG D 385 36.85 -48.00 34.26
C ARG D 385 37.74 -46.79 34.14
N LYS D 386 37.14 -45.68 33.72
CA LYS D 386 37.90 -44.43 33.55
C LYS D 386 38.48 -43.99 34.89
N LEU D 387 37.73 -44.24 35.95
CA LEU D 387 38.18 -43.86 37.29
C LEU D 387 39.39 -44.70 37.73
N GLU D 388 39.29 -46.03 37.55
CA GLU D 388 40.40 -46.91 37.91
C GLU D 388 41.67 -46.52 37.17
N GLU D 389 41.53 -46.27 35.87
CA GLU D 389 42.68 -45.90 35.07
C GLU D 389 43.32 -44.56 35.45
N GLY D 390 42.51 -43.63 35.96
CA GLY D 390 43.04 -42.33 36.35
C GLY D 390 43.29 -42.14 37.84
N LEU D 391 43.12 -43.22 38.59
CA LEU D 391 43.32 -43.20 40.04
C LEU D 391 44.67 -42.61 40.45
N PRO D 392 45.77 -43.05 39.81
CA PRO D 392 47.05 -42.46 40.22
C PRO D 392 47.14 -40.96 39.96
N LEU D 393 46.62 -40.51 38.82
CA LEU D 393 46.65 -39.08 38.53
C LEU D 393 45.79 -38.30 39.55
N LEU D 394 44.64 -38.86 39.90
CA LEU D 394 43.73 -38.23 40.84
C LEU D 394 44.34 -38.11 42.23
N LYS D 395 45.05 -39.14 42.65
CA LYS D 395 45.67 -39.10 43.96
C LYS D 395 46.73 -38.00 44.02
N GLU D 396 47.37 -37.69 42.89
CA GLU D 396 48.36 -36.62 42.90
C GLU D 396 47.63 -35.28 42.80
N LEU D 397 46.44 -35.27 42.20
CA LEU D 397 45.69 -34.03 42.09
C LEU D 397 45.00 -33.68 43.43
N TYR D 398 44.56 -34.69 44.18
CA TYR D 398 43.85 -34.44 45.43
C TYR D 398 44.46 -33.37 46.35
N PRO D 399 45.76 -33.48 46.70
CA PRO D 399 46.35 -32.46 47.59
C PRO D 399 46.29 -31.06 47.00
N ARG D 400 46.39 -30.92 45.68
CA ARG D 400 46.32 -29.58 45.13
C ARG D 400 44.90 -29.03 45.30
N LEU D 401 43.91 -29.90 45.18
CA LEU D 401 42.53 -29.46 45.35
C LEU D 401 42.28 -29.15 46.82
N ARG D 402 42.84 -29.94 47.72
CA ARG D 402 42.64 -29.73 49.15
C ARG D 402 43.24 -28.41 49.60
N ALA D 403 44.22 -27.90 48.87
CA ALA D 403 44.86 -26.65 49.23
C ALA D 403 44.32 -25.47 48.46
N GLN D 404 43.46 -25.72 47.47
CA GLN D 404 42.88 -24.63 46.68
C GLN D 404 41.93 -23.75 47.50
N GLU D 405 42.28 -22.47 47.64
CA GLU D 405 41.46 -21.54 48.41
C GLU D 405 40.29 -21.00 47.60
N GLU D 406 40.57 -20.55 46.38
CA GLU D 406 39.57 -19.99 45.49
C GLU D 406 38.85 -21.11 44.73
N TRP D 407 37.64 -21.46 45.15
CA TRP D 407 36.89 -22.53 44.49
C TRP D 407 35.89 -21.99 43.49
N THR D 408 36.40 -21.52 42.36
CA THR D 408 35.56 -20.98 41.30
C THR D 408 35.93 -21.67 40.00
N GLU D 409 35.04 -21.56 39.02
CA GLU D 409 35.28 -22.19 37.72
C GLU D 409 36.56 -21.71 37.08
N ALA D 410 36.79 -20.40 37.12
CA ALA D 410 38.00 -19.82 36.53
C ALA D 410 39.25 -20.36 37.20
N ALA D 411 39.33 -20.22 38.51
CA ALA D 411 40.50 -20.69 39.25
C ALA D 411 40.71 -22.19 39.14
N LEU D 412 39.63 -22.96 39.21
CA LEU D 412 39.76 -24.42 39.11
C LEU D 412 40.22 -24.81 37.69
N GLU D 413 39.75 -24.09 36.67
CA GLU D 413 40.18 -24.40 35.31
C GLU D 413 41.69 -24.15 35.19
N ALA D 414 42.16 -23.00 35.67
CA ALA D 414 43.59 -22.71 35.60
C ALA D 414 44.41 -23.78 36.36
N LEU D 415 43.91 -24.19 37.53
CA LEU D 415 44.57 -25.19 38.34
C LEU D 415 44.68 -26.54 37.63
N LEU D 416 43.58 -26.97 36.99
CA LEU D 416 43.58 -28.26 36.32
C LEU D 416 44.42 -28.29 35.01
N ARG D 417 44.39 -27.20 34.24
CA ARG D 417 45.20 -27.17 33.02
C ARG D 417 46.67 -27.11 33.42
N GLY D 418 46.97 -26.37 34.49
CA GLY D 418 48.33 -26.29 34.96
C GLY D 418 48.82 -27.64 35.43
N PHE D 419 47.94 -28.40 36.06
CA PHE D 419 48.30 -29.73 36.54
C PHE D 419 48.49 -30.67 35.39
N ALA D 420 47.61 -30.60 34.39
CA ALA D 420 47.70 -31.45 33.22
C ALA D 420 49.07 -31.23 32.54
N ALA D 421 49.38 -29.97 32.27
CA ALA D 421 50.63 -29.58 31.62
C ALA D 421 51.85 -30.05 32.43
N GLU D 422 51.86 -29.74 33.73
CA GLU D 422 52.94 -30.12 34.63
C GLU D 422 53.14 -31.64 34.66
N LYS D 423 52.09 -32.38 34.35
CA LYS D 423 52.17 -33.83 34.39
C LYS D 423 52.35 -34.37 32.99
N GLY D 424 52.44 -33.45 32.03
CA GLY D 424 52.61 -33.86 30.64
C GLY D 424 51.49 -34.71 30.06
N VAL D 425 50.23 -34.38 30.38
CA VAL D 425 49.09 -35.12 29.85
C VAL D 425 48.06 -34.11 29.35
N LYS D 426 47.13 -34.59 28.53
CA LYS D 426 46.06 -33.73 27.99
C LYS D 426 45.05 -33.47 29.12
N LEU D 427 44.36 -32.34 29.07
CA LEU D 427 43.36 -32.03 30.09
C LEU D 427 42.36 -33.18 30.21
N GLY D 428 41.96 -33.71 29.06
CA GLY D 428 41.01 -34.81 29.04
C GLY D 428 41.38 -35.97 29.93
N GLN D 429 42.69 -36.22 30.08
CA GLN D 429 43.15 -37.34 30.92
C GLN D 429 42.94 -37.10 32.41
N VAL D 430 42.82 -35.83 32.80
CA VAL D 430 42.59 -35.50 34.21
C VAL D 430 41.09 -35.30 34.40
N ALA D 431 40.48 -34.53 33.48
CA ALA D 431 39.06 -34.22 33.49
C ALA D 431 38.10 -35.42 33.51
N GLN D 432 38.33 -36.38 32.62
CA GLN D 432 37.46 -37.56 32.53
C GLN D 432 37.40 -38.40 33.82
N PRO D 433 38.56 -38.72 34.42
CA PRO D 433 38.46 -39.52 35.66
C PRO D 433 37.82 -38.72 36.82
N LEU D 434 38.10 -37.43 36.86
CA LEU D 434 37.52 -36.57 37.88
C LEU D 434 35.99 -36.51 37.69
N ARG D 435 35.56 -36.38 36.44
CA ARG D 435 34.15 -36.36 36.10
C ARG D 435 33.49 -37.65 36.61
N ALA D 436 34.16 -38.78 36.38
CA ALA D 436 33.63 -40.07 36.82
C ALA D 436 33.53 -40.13 38.37
N ALA D 437 34.54 -39.60 39.06
CA ALA D 437 34.53 -39.62 40.52
C ALA D 437 33.41 -38.74 41.11
N LEU D 438 33.18 -37.59 40.47
CA LEU D 438 32.17 -36.65 40.94
C LEU D 438 30.73 -36.94 40.52
N THR D 439 30.53 -37.73 39.47
CA THR D 439 29.19 -37.96 38.97
C THR D 439 28.76 -39.39 38.71
N GLY D 440 29.72 -40.32 38.66
CA GLY D 440 29.37 -41.71 38.37
C GLY D 440 29.07 -41.84 36.87
N SER D 441 29.33 -40.77 36.12
CA SER D 441 29.05 -40.78 34.69
C SER D 441 30.13 -40.09 33.83
N LEU D 442 30.13 -40.42 32.55
CA LEU D 442 31.07 -39.81 31.63
C LEU D 442 30.31 -38.84 30.67
N GLU D 443 29.01 -38.63 30.93
CA GLU D 443 28.17 -37.73 30.11
C GLU D 443 27.49 -36.69 31.03
N THR D 444 28.15 -35.54 31.18
CA THR D 444 27.64 -34.51 32.07
C THR D 444 27.98 -33.13 31.50
N PRO D 445 27.62 -32.07 32.24
CA PRO D 445 27.93 -30.69 31.80
C PRO D 445 29.44 -30.54 31.96
N GLY D 446 29.93 -29.32 31.75
CA GLY D 446 31.35 -29.04 31.88
C GLY D 446 31.90 -29.40 33.24
N LEU D 447 33.18 -29.80 33.25
CA LEU D 447 33.83 -30.20 34.48
C LEU D 447 33.99 -29.07 35.52
N PHE D 448 34.44 -27.92 35.07
CA PHE D 448 34.65 -26.79 35.97
C PHE D 448 33.38 -26.32 36.64
N GLU D 449 32.26 -26.29 35.92
CA GLU D 449 31.02 -25.86 36.55
C GLU D 449 30.46 -26.92 37.50
N ILE D 450 30.69 -28.18 37.17
CA ILE D 450 30.23 -29.29 37.98
C ILE D 450 31.09 -29.34 39.26
N LEU D 451 32.39 -29.06 39.12
CA LEU D 451 33.29 -29.08 40.25
C LEU D 451 32.98 -27.90 41.17
N ALA D 452 32.69 -26.75 40.57
CA ALA D 452 32.40 -25.55 41.34
C ALA D 452 31.03 -25.58 42.03
N LEU D 453 30.00 -26.10 41.35
CA LEU D 453 28.63 -26.13 41.90
C LEU D 453 28.47 -26.64 43.34
N LEU D 454 28.98 -27.83 43.66
CA LEU D 454 28.81 -28.31 45.03
C LEU D 454 29.66 -27.65 46.09
N GLY D 455 30.67 -26.88 45.69
CA GLY D 455 31.53 -26.24 46.68
C GLY D 455 32.70 -27.18 47.02
N LYS D 456 33.76 -26.63 47.60
CA LYS D 456 34.95 -27.44 47.90
C LYS D 456 34.78 -28.70 48.79
N GLU D 457 34.33 -28.51 50.03
CA GLU D 457 34.21 -29.66 50.92
C GLU D 457 33.38 -30.80 50.33
N ARG D 458 32.26 -30.46 49.72
CA ARG D 458 31.39 -31.47 49.13
C ARG D 458 32.11 -32.18 47.97
N ALA D 459 32.84 -31.43 47.15
CA ALA D 459 33.58 -32.06 46.05
C ALA D 459 34.66 -33.00 46.62
N LEU D 460 35.38 -32.55 47.63
CA LEU D 460 36.44 -33.38 48.22
C LEU D 460 35.86 -34.64 48.82
N ARG D 461 34.75 -34.53 49.54
CA ARG D 461 34.18 -35.73 50.13
C ARG D 461 33.90 -36.79 49.08
N ARG D 462 33.37 -36.40 47.93
CA ARG D 462 33.09 -37.39 46.89
C ARG D 462 34.35 -37.93 46.27
N LEU D 463 35.32 -37.04 46.05
CA LEU D 463 36.58 -37.46 45.48
C LEU D 463 37.25 -38.45 46.41
N GLU D 464 37.17 -38.21 47.72
CA GLU D 464 37.79 -39.12 48.70
C GLU D 464 37.17 -40.51 48.63
N ARG D 465 35.86 -40.58 48.51
CA ARG D 465 35.20 -41.87 48.43
C ARG D 465 35.68 -42.63 47.20
N ALA D 466 35.81 -41.93 46.09
CA ALA D 466 36.24 -42.54 44.85
C ALA D 466 37.71 -42.97 44.88
N LEU D 467 38.50 -42.37 45.76
CA LEU D 467 39.90 -42.75 45.86
C LEU D 467 40.11 -43.67 47.06
N ALA D 468 39.01 -43.99 47.75
CA ALA D 468 39.05 -44.83 48.95
C ALA D 468 39.50 -46.26 48.66
MG MG E . 22.16 38.81 -50.95
MG MG F . 16.38 -34.97 -2.27
PG ATP G . -8.93 26.07 -26.88
O1G ATP G . -9.56 26.48 -28.20
O2G ATP G . -8.26 24.71 -27.07
O3G ATP G . -9.97 25.92 -25.78
PB ATP G . -6.89 28.13 -27.46
O1B ATP G . -7.68 28.50 -28.68
O2B ATP G . -5.58 27.52 -27.86
O3B ATP G . -7.70 27.09 -26.45
PA ATP G . -7.63 30.39 -25.77
O1A ATP G . -8.99 29.81 -25.60
O2A ATP G . -7.09 30.85 -24.45
O3A ATP G . -6.56 29.39 -26.51
O5' ATP G . -7.73 31.61 -26.81
C5' ATP G . -6.51 32.34 -27.12
C4' ATP G . -6.58 33.40 -28.23
O4' ATP G . -5.37 33.25 -29.04
C3' ATP G . -7.74 33.34 -29.28
O3' ATP G . -8.15 34.65 -29.78
C2' ATP G . -7.19 32.42 -30.36
O2' ATP G . -7.68 32.81 -31.65
C1' ATP G . -5.66 32.65 -30.31
N9 ATP G . -4.82 31.41 -30.42
C8 ATP G . -5.04 30.15 -29.84
N7 ATP G . -4.13 29.26 -30.14
C5 ATP G . -3.24 29.94 -30.97
C6 ATP G . -2.06 29.54 -31.63
N6 ATP G . -1.57 28.30 -31.53
N1 ATP G . -1.38 30.48 -32.41
C2 ATP G . -1.89 31.74 -32.50
N3 ATP G . -3.01 32.24 -31.91
C4 ATP G . -3.65 31.27 -31.16
N GAU H . -12.66 31.36 -26.89
N GAU H . -12.67 31.37 -26.80
CA GAU H . -12.10 31.61 -28.21
CA GAU H . -12.28 31.47 -28.19
CB GAU H . -12.48 33.00 -28.69
CB GAU H . -12.32 32.94 -28.63
CG GAU H . -12.03 33.28 -30.10
CG GAU H . -12.04 33.17 -30.11
CD GAU H . -12.65 34.53 -30.66
CD GAU H . -12.65 34.47 -30.64
OE2 GAU H . -12.01 35.58 -30.51
OE2 GAU H . -11.97 35.49 -30.48
OE1 GAU H . -13.80 34.48 -31.22
OE1 GAU H . -13.80 34.45 -31.19
C GAU H . -10.58 31.50 -28.16
C GAU H . -10.86 30.91 -28.34
O GAU H . -10.23 30.18 -27.89
O GAU H . -9.91 31.86 -27.92
PG ATP I . -14.21 -43.28 23.14
O1G ATP I . -15.73 -43.35 23.32
O2G ATP I . -13.66 -44.72 23.11
O3G ATP I . -13.54 -42.55 24.30
PB ATP I . -12.67 -41.47 21.42
O1B ATP I . -12.28 -41.35 19.99
O2B ATP I . -11.47 -41.74 22.27
O3B ATP I . -13.81 -42.65 21.66
PA ATP I . -14.73 -39.39 21.45
O1A ATP I . -15.70 -40.29 20.77
O2A ATP I . -15.40 -38.61 22.56
O3A ATP I . -13.38 -40.15 22.01
O5' ATP I . -14.10 -38.41 20.40
C5' ATP I . -13.14 -37.46 20.89
C4' ATP I . -12.99 -36.26 19.97
O4' ATP I . -11.72 -36.33 19.28
C3' ATP I . -14.02 -36.10 18.84
O3' ATP I . -14.20 -34.72 18.52
C2' ATP I . -13.41 -36.93 17.71
O2' ATP I . -13.84 -36.51 16.42
C1' ATP I . -11.90 -36.71 17.91
N9 ATP I . -11.02 -37.88 17.66
C8 ATP I . -11.11 -39.18 18.15
N7 ATP I . -10.17 -39.97 17.72
C5 ATP I . -9.39 -39.17 16.89
C6 ATP I . -8.22 -39.43 16.11
N6 ATP I . -7.63 -40.63 16.06
N1 ATP I . -7.70 -38.38 15.38
C2 ATP I . -8.31 -37.17 15.42
N3 ATP I . -9.41 -36.82 16.12
C4 ATP I . -9.92 -37.87 16.84
N GAU J . -19.58 -36.57 20.79
CA GAU J . -19.10 -36.76 19.42
CB GAU J . -19.15 -35.44 18.67
CG GAU J . -18.77 -35.51 17.21
CD GAU J . -19.17 -34.27 16.46
OE2 GAU J . -18.33 -33.33 16.38
OE1 GAU J . -20.31 -34.22 15.96
C GAU J . -17.67 -37.31 19.44
O GAU J . -16.77 -36.38 20.00
#